data_8B54
#
_entry.id   8B54
#
_cell.length_a   73.023
_cell.length_b   134.978
_cell.length_c   163.963
_cell.angle_alpha   90.000
_cell.angle_beta   90.000
_cell.angle_gamma   90.000
#
_symmetry.space_group_name_H-M   'P 21 21 21'
#
loop_
_entity.id
_entity.type
_entity.pdbx_description
1 polymer 'Cyclin-dependent kinase 2'
2 polymer Cyclin-A2
3 non-polymer ~{N}-[(2-phenylphenyl)methyl]-5-piperidin-4-ylsulfanyl-3-propan-2-yl-2~{H}-pyrazolo[4,3-d]pyrimidin-7-amine
4 non-polymer GLYCEROL
5 non-polymer 1,2-ETHANEDIOL
6 water water
#
loop_
_entity_poly.entity_id
_entity_poly.type
_entity_poly.pdbx_seq_one_letter_code
_entity_poly.pdbx_strand_id
1 'polypeptide(L)'
;SMENFQKVEKIGEGTYGVVYKARNKLTGEVVALKKIRLDTETEGVPSTAIREISLLKELNHPNIVKLLDVIHTENKLYLV
FEFLHQDLKKFMDASALTGIPLPLIKSYLFQLLQGLAFCHSHRVLHRDLKPQNLLINTEGAIKLADFGLARAFGVPVRTY
(TPO)HEVVTLWYRAPEILLGCKYYSTAVDIWSLGCIFAEMVTRRALFPGDSEIDQLFRIFRTLGTPDEVVWPGVTSMPD
YKPSFPKWARQDFSKVVPPLDEDGRSLLSQMLHYDPNKRISAKAALAHPFFQDVTKPVPHLRL
;
A,C
2 'polypeptide(L)'
;VPDYHEDIHTYLREMEVKCKPKVGYMKKQPDITNSMRAILVDWLVEVGEEYKLQNETLHLAVNYIDRFLSSMSVLRGKLQ
LVGTAAMLLASKFEEIYPPEVAEFVYITDDTYTKKQVLRMEHLVLKVLTFDLAAPTVNQFLTQYFLHQQPANCKVESLAM
FLGELSLIDADPYLKYLPSVIAGAAFHLALYTVTGQSWPESLIRKTGYTLESLKPCLMDLHQTYLKAPQHAQQSIREKYK
NSKYHGVSLLNPPETLNL
;
B,D
#
loop_
_chem_comp.id
_chem_comp.type
_chem_comp.name
_chem_comp.formula
EDO non-polymer 1,2-ETHANEDIOL 'C2 H6 O2'
GOL non-polymer GLYCEROL 'C3 H8 O3'
P2V non-polymer ~{N}-[(2-phenylphenyl)methyl]-5-piperidin-4-ylsulfanyl-3-propan-2-yl-2~{H}-pyrazolo[4,3-d]pyrimidin-7-amine 'C26 H30 N6 S'
#
# COMPACT_ATOMS: atom_id res chain seq x y z
N MET A 2 -0.76 -1.00 -20.98
CA MET A 2 -1.99 -0.37 -21.60
C MET A 2 -2.77 -1.32 -22.52
N GLU A 3 -2.57 -2.63 -22.41
CA GLU A 3 -3.20 -3.59 -23.35
C GLU A 3 -4.66 -3.84 -22.95
N ASN A 4 -5.01 -3.59 -21.68
CA ASN A 4 -6.35 -3.93 -21.16
C ASN A 4 -7.41 -2.91 -21.59
N PHE A 5 -7.01 -1.80 -22.21
CA PHE A 5 -7.96 -0.72 -22.57
C PHE A 5 -8.12 -0.67 -24.07
N GLN A 6 -9.36 -0.57 -24.49
CA GLN A 6 -9.78 -0.41 -25.90
C GLN A 6 -10.20 1.05 -26.04
N LYS A 7 -9.55 1.82 -26.91
CA LYS A 7 -9.98 3.20 -27.26
C LYS A 7 -11.36 3.10 -27.91
N VAL A 8 -12.24 4.04 -27.59
CA VAL A 8 -13.63 4.08 -28.13
C VAL A 8 -13.74 5.32 -29.01
N GLU A 9 -13.39 6.48 -28.45
CA GLU A 9 -13.29 7.77 -29.18
C GLU A 9 -12.31 8.67 -28.44
N LYS A 10 -11.80 9.67 -29.14
CA LYS A 10 -11.09 10.81 -28.53
C LYS A 10 -12.16 11.77 -27.98
N ILE A 11 -12.12 12.05 -26.69
CA ILE A 11 -13.09 12.95 -26.00
C ILE A 11 -12.70 14.39 -26.28
N GLY A 12 -11.50 14.78 -25.91
CA GLY A 12 -10.95 16.06 -26.38
C GLY A 12 -9.61 16.37 -25.77
N GLU A 13 -9.42 17.66 -25.43
CA GLU A 13 -8.23 18.21 -24.72
C GLU A 13 -8.78 19.18 -23.69
N GLY A 14 -8.23 19.19 -22.48
CA GLY A 14 -8.63 20.18 -21.46
C GLY A 14 -7.55 21.21 -21.16
N THR A 15 -7.03 21.18 -19.93
CA THR A 15 -5.92 22.05 -19.45
C THR A 15 -4.59 21.48 -19.94
N TYR A 16 -4.53 20.19 -20.24
CA TYR A 16 -3.29 19.53 -20.73
C TYR A 16 -3.63 18.12 -21.23
N GLY A 17 -2.85 17.66 -22.21
CA GLY A 17 -2.95 16.29 -22.75
C GLY A 17 -4.20 16.05 -23.59
N VAL A 18 -4.24 14.87 -24.23
CA VAL A 18 -5.44 14.31 -24.93
C VAL A 18 -6.22 13.41 -23.94
N VAL A 19 -7.55 13.46 -23.97
CA VAL A 19 -8.43 12.56 -23.17
C VAL A 19 -9.15 11.61 -24.13
N TYR A 20 -9.17 10.33 -23.81
CA TYR A 20 -9.87 9.28 -24.61
C TYR A 20 -10.95 8.64 -23.76
N LYS A 21 -12.05 8.25 -24.40
CA LYS A 21 -13.00 7.27 -23.80
C LYS A 21 -12.46 5.88 -24.10
N ALA A 22 -12.38 5.03 -23.09
CA ALA A 22 -11.81 3.69 -23.26
C ALA A 22 -12.57 2.70 -22.39
N ARG A 23 -12.55 1.45 -22.82
CA ARG A 23 -13.19 0.34 -22.11
C ARG A 23 -12.07 -0.55 -21.57
N ASN A 24 -12.16 -0.96 -20.30
CA ASN A 24 -11.34 -2.06 -19.73
C ASN A 24 -11.87 -3.40 -20.29
N LYS A 25 -11.05 -4.11 -21.07
CA LYS A 25 -11.43 -5.34 -21.80
C LYS A 25 -11.65 -6.53 -20.85
N LEU A 26 -11.08 -6.53 -19.66
CA LEU A 26 -11.22 -7.65 -18.70
C LEU A 26 -12.40 -7.42 -17.74
N THR A 27 -12.61 -6.17 -17.30
CA THR A 27 -13.68 -5.83 -16.34
C THR A 27 -14.88 -5.17 -17.04
N GLY A 28 -14.69 -4.67 -18.25
CA GLY A 28 -15.81 -4.02 -18.96
C GLY A 28 -15.96 -2.55 -18.58
N GLU A 29 -15.32 -2.12 -17.49
CA GLU A 29 -15.42 -0.73 -16.98
C GLU A 29 -15.01 0.27 -18.07
N VAL A 30 -15.75 1.35 -18.12
CA VAL A 30 -15.54 2.46 -19.08
C VAL A 30 -14.75 3.53 -18.34
N VAL A 31 -13.66 3.99 -18.93
CA VAL A 31 -12.81 5.01 -18.25
C VAL A 31 -12.53 6.18 -19.21
N ALA A 32 -12.10 7.30 -18.64
CA ALA A 32 -11.44 8.40 -19.40
C ALA A 32 -9.95 8.29 -19.14
N LEU A 33 -9.18 8.14 -20.21
CA LEU A 33 -7.70 8.10 -20.16
C LEU A 33 -7.18 9.47 -20.54
N LYS A 34 -6.26 10.02 -19.75
CA LYS A 34 -5.52 11.28 -20.07
C LYS A 34 -4.11 10.94 -20.50
N LYS A 35 -3.85 11.00 -21.80
CA LYS A 35 -2.50 10.76 -22.37
C LYS A 35 -1.68 12.03 -22.21
N ILE A 36 -0.44 11.88 -21.78
CA ILE A 36 0.56 12.98 -21.65
C ILE A 36 1.84 12.49 -22.31
N ARG A 37 2.27 13.19 -23.33
CA ARG A 37 3.56 12.87 -24.01
C ARG A 37 4.65 13.57 -23.21
N LEU A 38 5.88 13.07 -23.28
CA LEU A 38 6.96 13.49 -22.36
C LEU A 38 8.02 14.33 -23.10
N ASP A 39 7.92 14.38 -24.44
CA ASP A 39 8.88 15.15 -25.26
C ASP A 39 8.12 15.87 -26.39
N THR A 42 10.48 17.35 -23.08
CA THR A 42 11.75 16.69 -22.65
C THR A 42 12.27 17.30 -21.33
N GLU A 43 11.34 17.66 -20.43
CA GLU A 43 11.66 18.19 -19.09
C GLU A 43 11.22 17.17 -18.03
N GLY A 44 10.86 15.97 -18.45
CA GLY A 44 10.30 14.96 -17.53
C GLY A 44 8.79 15.04 -17.44
N VAL A 45 8.23 14.61 -16.30
CA VAL A 45 6.77 14.63 -16.01
C VAL A 45 6.38 16.08 -15.80
N PRO A 46 5.41 16.61 -16.56
CA PRO A 46 4.94 17.97 -16.37
C PRO A 46 4.51 18.25 -14.92
N SER A 47 4.72 19.48 -14.45
CA SER A 47 4.27 19.86 -13.08
C SER A 47 2.74 19.80 -13.01
N THR A 48 2.06 19.98 -14.15
CA THR A 48 0.58 19.85 -14.22
C THR A 48 0.20 18.45 -13.74
N ALA A 49 0.86 17.42 -14.27
CA ALA A 49 0.56 15.99 -13.96
C ALA A 49 0.92 15.65 -12.51
N ILE A 50 2.11 16.07 -12.11
CA ILE A 50 2.68 15.83 -10.75
C ILE A 50 1.73 16.37 -9.68
N ARG A 51 1.29 17.61 -9.88
CA ARG A 51 0.29 18.27 -9.00
C ARG A 51 -1.10 17.61 -9.12
N GLU A 52 -1.56 17.29 -10.33
CA GLU A 52 -2.92 16.74 -10.48
C GLU A 52 -2.98 15.37 -9.78
N ILE A 53 -1.96 14.54 -10.04
CA ILE A 53 -1.98 13.16 -9.50
C ILE A 53 -1.87 13.23 -7.97
N SER A 54 -0.90 13.98 -7.46
CA SER A 54 -0.58 13.99 -6.02
C SER A 54 -1.77 14.54 -5.26
N LEU A 55 -2.45 15.52 -5.86
CA LEU A 55 -3.53 16.23 -5.13
C LEU A 55 -4.81 15.41 -5.21
N LEU A 56 -5.09 14.80 -6.36
CA LEU A 56 -6.36 14.04 -6.51
C LEU A 56 -6.30 12.77 -5.68
N LYS A 57 -5.11 12.26 -5.38
CA LYS A 57 -4.93 11.08 -4.50
C LYS A 57 -5.34 11.43 -3.07
N GLU A 58 -5.29 12.69 -2.72
CA GLU A 58 -5.68 13.17 -1.37
C GLU A 58 -7.09 13.78 -1.41
N LEU A 59 -7.78 13.68 -2.55
CA LEU A 59 -9.10 14.35 -2.74
C LEU A 59 -10.17 13.33 -3.15
N ASN A 60 -10.38 12.34 -2.30
CA ASN A 60 -11.39 11.32 -2.60
C ASN A 60 -12.74 11.84 -2.08
N HIS A 61 -13.60 12.24 -3.00
CA HIS A 61 -14.93 12.82 -2.67
C HIS A 61 -15.88 12.46 -3.80
N PRO A 62 -17.16 12.26 -3.47
CA PRO A 62 -18.17 11.96 -4.49
C PRO A 62 -18.39 13.09 -5.49
N ASN A 63 -18.17 14.33 -5.09
CA ASN A 63 -18.22 15.49 -6.00
C ASN A 63 -16.84 15.91 -6.49
N ILE A 64 -15.87 14.99 -6.52
CA ILE A 64 -14.55 15.25 -7.15
C ILE A 64 -14.21 14.01 -7.95
N VAL A 65 -13.89 14.21 -9.20
CA VAL A 65 -13.71 13.07 -10.13
C VAL A 65 -12.58 12.16 -9.63
N LYS A 66 -12.72 10.86 -9.82
CA LYS A 66 -11.81 9.85 -9.21
C LYS A 66 -10.65 9.51 -10.14
N LEU A 67 -9.44 9.61 -9.60
CA LEU A 67 -8.25 9.07 -10.28
C LEU A 67 -8.19 7.59 -9.93
N LEU A 68 -8.06 6.76 -10.95
CA LEU A 68 -8.24 5.30 -10.78
C LEU A 68 -6.89 4.63 -10.93
N ASP A 69 -5.97 5.17 -11.68
CA ASP A 69 -4.66 4.52 -11.89
C ASP A 69 -3.76 5.50 -12.60
N VAL A 70 -2.46 5.29 -12.48
CA VAL A 70 -1.47 6.06 -13.28
C VAL A 70 -0.60 5.03 -13.95
N ILE A 71 -0.36 5.15 -15.25
CA ILE A 71 0.45 4.16 -16.03
C ILE A 71 1.55 4.91 -16.79
N HIS A 72 2.81 4.42 -16.76
CA HIS A 72 3.96 4.98 -17.55
C HIS A 72 4.54 3.96 -18.53
N THR A 73 4.40 4.18 -19.84
CA THR A 73 4.86 3.26 -20.92
C THR A 73 5.74 4.01 -21.92
N GLU A 74 7.05 3.75 -21.87
CA GLU A 74 8.11 4.29 -22.78
C GLU A 74 8.19 5.80 -22.59
N ASN A 75 7.38 6.54 -23.36
CA ASN A 75 7.40 8.03 -23.39
C ASN A 75 5.98 8.55 -23.23
N LYS A 76 5.13 7.77 -22.56
CA LYS A 76 3.68 8.07 -22.32
C LYS A 76 3.38 8.04 -20.82
N LEU A 77 2.51 8.94 -20.37
CA LEU A 77 1.87 8.83 -19.03
C LEU A 77 0.35 8.82 -19.18
N TYR A 78 -0.34 7.77 -18.73
CA TYR A 78 -1.82 7.69 -18.74
C TYR A 78 -2.35 7.76 -17.32
N LEU A 79 -3.13 8.80 -17.05
CA LEU A 79 -3.97 8.92 -15.83
C LEU A 79 -5.34 8.31 -16.15
N VAL A 80 -5.74 7.30 -15.41
CA VAL A 80 -7.03 6.60 -15.65
C VAL A 80 -8.04 7.20 -14.69
N PHE A 81 -9.18 7.66 -15.21
CA PHE A 81 -10.18 8.44 -14.44
C PHE A 81 -11.56 7.84 -14.61
N GLU A 82 -12.40 8.00 -13.59
CA GLU A 82 -13.84 7.71 -13.80
C GLU A 82 -14.30 8.50 -15.01
N PHE A 83 -15.27 7.94 -15.70
CA PHE A 83 -15.84 8.55 -16.92
C PHE A 83 -17.16 9.19 -16.52
N LEU A 84 -17.49 10.34 -17.14
CA LEU A 84 -18.84 10.98 -17.11
C LEU A 84 -19.21 11.38 -18.53
N HIS A 85 -20.45 11.15 -18.99
CA HIS A 85 -20.78 11.32 -20.43
C HIS A 85 -20.91 12.81 -20.79
N GLN A 86 -20.99 13.72 -19.81
CA GLN A 86 -21.36 15.14 -20.07
C GLN A 86 -20.63 16.14 -19.16
N ASP A 87 -20.33 17.32 -19.69
CA ASP A 87 -19.80 18.47 -18.92
C ASP A 87 -20.93 19.49 -18.71
N LEU A 88 -20.75 20.45 -17.81
CA LEU A 88 -21.83 21.40 -17.45
C LEU A 88 -22.04 22.42 -18.60
N LYS A 89 -21.03 22.61 -19.44
CA LYS A 89 -21.11 23.57 -20.55
C LYS A 89 -22.12 23.07 -21.57
N LYS A 90 -21.84 21.97 -22.23
CA LYS A 90 -22.76 21.36 -23.24
C LYS A 90 -24.16 21.18 -22.68
N PHE A 91 -24.33 20.81 -21.42
CA PHE A 91 -25.67 20.73 -20.76
C PHE A 91 -26.39 22.08 -20.77
N MET A 92 -25.67 23.20 -20.58
CA MET A 92 -26.26 24.55 -20.54
C MET A 92 -26.59 25.01 -21.97
N ASP A 93 -25.84 24.51 -22.98
CA ASP A 93 -26.09 24.80 -24.42
C ASP A 93 -27.38 24.11 -24.84
N ALA A 94 -27.54 22.82 -24.58
CA ALA A 94 -28.81 22.06 -24.77
C ALA A 94 -29.99 22.75 -24.06
N SER A 95 -29.77 23.23 -22.83
CA SER A 95 -30.80 23.92 -22.00
C SER A 95 -30.88 25.45 -22.28
N ALA A 96 -30.20 25.98 -23.32
CA ALA A 96 -30.16 27.44 -23.63
C ALA A 96 -31.58 28.00 -23.79
N LEU A 97 -32.42 27.35 -24.60
CA LEU A 97 -33.80 27.82 -24.92
C LEU A 97 -34.73 27.47 -23.75
N THR A 98 -34.59 26.27 -23.20
CA THR A 98 -35.51 25.72 -22.20
C THR A 98 -35.32 26.36 -20.82
N GLY A 99 -34.10 26.34 -20.31
CA GLY A 99 -33.80 26.75 -18.94
C GLY A 99 -33.33 25.53 -18.15
N ILE A 100 -32.47 25.73 -17.15
CA ILE A 100 -32.20 24.63 -16.20
C ILE A 100 -33.20 24.78 -15.06
N PRO A 101 -33.89 23.68 -14.73
CA PRO A 101 -34.86 23.69 -13.62
C PRO A 101 -34.21 24.14 -12.31
N LEU A 102 -34.84 25.05 -11.59
CA LEU A 102 -34.26 25.74 -10.41
C LEU A 102 -33.73 24.72 -9.40
N PRO A 103 -34.47 23.66 -9.03
CA PRO A 103 -33.97 22.70 -8.06
C PRO A 103 -32.67 22.00 -8.52
N LEU A 104 -32.48 21.82 -9.84
CA LEU A 104 -31.23 21.26 -10.44
C LEU A 104 -30.09 22.29 -10.43
N ILE A 105 -30.38 23.56 -10.72
CA ILE A 105 -29.42 24.66 -10.43
C ILE A 105 -28.99 24.50 -8.96
N LYS A 106 -29.92 24.28 -8.04
CA LYS A 106 -29.60 24.27 -6.59
C LYS A 106 -28.75 23.02 -6.26
N SER A 107 -29.22 21.86 -6.69
CA SER A 107 -28.49 20.59 -6.49
C SER A 107 -27.08 20.78 -7.03
N TYR A 108 -26.95 21.23 -8.28
CA TYR A 108 -25.63 21.38 -8.92
C TYR A 108 -24.78 22.34 -8.10
N LEU A 109 -25.31 23.46 -7.65
CA LEU A 109 -24.44 24.42 -6.90
C LEU A 109 -24.04 23.79 -5.56
N PHE A 110 -25.01 23.23 -4.85
CA PHE A 110 -24.77 22.49 -3.59
C PHE A 110 -23.59 21.52 -3.76
N GLN A 111 -23.69 20.62 -4.72
CA GLN A 111 -22.68 19.57 -4.96
C GLN A 111 -21.31 20.24 -5.15
N LEU A 112 -21.25 21.29 -5.97
CA LEU A 112 -19.97 21.95 -6.34
C LEU A 112 -19.34 22.49 -5.05
N LEU A 113 -20.14 23.11 -4.19
CA LEU A 113 -19.66 23.70 -2.92
C LEU A 113 -19.22 22.57 -1.99
N GLN A 114 -19.80 21.38 -2.11
CA GLN A 114 -19.39 20.27 -1.24
C GLN A 114 -18.03 19.79 -1.73
N GLY A 115 -17.87 19.74 -3.03
CA GLY A 115 -16.61 19.25 -3.61
C GLY A 115 -15.52 20.25 -3.33
N LEU A 116 -15.82 21.54 -3.55
CA LEU A 116 -14.85 22.62 -3.32
C LEU A 116 -14.50 22.77 -1.84
N ALA A 117 -15.45 22.60 -0.91
CA ALA A 117 -15.17 22.73 0.53
C ALA A 117 -14.17 21.63 0.91
N PHE A 118 -14.35 20.45 0.34
CA PHE A 118 -13.43 19.37 0.66
C PHE A 118 -12.02 19.78 0.19
N CYS A 119 -11.87 20.35 -1.02
CA CYS A 119 -10.57 20.76 -1.61
C CYS A 119 -9.88 21.73 -0.67
N HIS A 120 -10.66 22.71 -0.23
CA HIS A 120 -10.14 23.84 0.54
C HIS A 120 -9.68 23.36 1.91
N SER A 121 -10.41 22.42 2.47
CA SER A 121 -10.11 21.91 3.84
C SER A 121 -8.92 20.94 3.73
N HIS A 122 -8.57 20.57 2.50
CA HIS A 122 -7.38 19.72 2.18
C HIS A 122 -6.30 20.59 1.48
N ARG A 123 -6.29 21.89 1.80
CA ARG A 123 -5.28 22.89 1.36
C ARG A 123 -5.01 22.80 -0.17
N VAL A 124 -6.08 22.74 -0.98
CA VAL A 124 -6.01 22.71 -2.48
C VAL A 124 -6.90 23.80 -3.08
N LEU A 125 -6.29 24.66 -3.89
CA LEU A 125 -6.98 25.60 -4.78
C LEU A 125 -7.17 24.93 -6.13
N HIS A 126 -8.34 25.08 -6.74
CA HIS A 126 -8.60 24.46 -8.05
C HIS A 126 -8.03 25.39 -9.12
N ARG A 127 -8.47 26.66 -9.07
CA ARG A 127 -7.94 27.78 -9.90
C ARG A 127 -8.29 27.61 -11.39
N ASP A 128 -9.30 26.86 -11.72
CA ASP A 128 -9.82 26.91 -13.10
C ASP A 128 -11.23 26.30 -13.12
N LEU A 129 -12.06 26.75 -12.18
CA LEU A 129 -13.47 26.32 -12.13
C LEU A 129 -14.27 27.06 -13.20
N LYS A 130 -14.90 26.30 -14.06
CA LYS A 130 -15.64 26.82 -15.21
C LYS A 130 -16.42 25.64 -15.76
N PRO A 131 -17.55 25.87 -16.44
CA PRO A 131 -18.40 24.76 -16.86
C PRO A 131 -17.74 23.60 -17.62
N GLN A 132 -16.63 23.88 -18.30
CA GLN A 132 -15.89 22.91 -19.15
C GLN A 132 -15.07 21.94 -18.27
N ASN A 133 -14.92 22.21 -16.98
CA ASN A 133 -14.12 21.38 -16.03
C ASN A 133 -15.01 20.79 -14.95
N LEU A 134 -16.32 20.88 -15.14
CA LEU A 134 -17.32 20.34 -14.20
C LEU A 134 -18.13 19.32 -14.99
N LEU A 135 -18.14 18.06 -14.56
CA LEU A 135 -18.71 16.96 -15.35
C LEU A 135 -19.97 16.45 -14.68
N ILE A 136 -20.92 16.03 -15.51
CA ILE A 136 -22.23 15.51 -15.03
C ILE A 136 -22.40 14.10 -15.55
N ASN A 137 -23.23 13.36 -14.85
CA ASN A 137 -23.66 11.98 -15.23
C ASN A 137 -25.19 12.00 -15.27
N THR A 138 -25.80 10.82 -15.39
CA THR A 138 -27.25 10.63 -15.65
C THR A 138 -28.01 10.60 -14.33
N GLU A 139 -27.33 10.22 -13.25
CA GLU A 139 -27.90 10.12 -11.87
C GLU A 139 -28.01 11.48 -11.16
N GLY A 140 -27.63 12.58 -11.83
CA GLY A 140 -27.83 13.97 -11.34
C GLY A 140 -26.71 14.45 -10.47
N ALA A 141 -25.52 13.95 -10.77
CA ALA A 141 -24.27 14.18 -10.01
C ALA A 141 -23.40 15.10 -10.84
N ILE A 142 -22.78 16.09 -10.19
CA ILE A 142 -21.77 16.98 -10.84
C ILE A 142 -20.45 16.92 -10.06
N LYS A 143 -19.34 17.04 -10.78
CA LYS A 143 -18.00 16.74 -10.22
C LYS A 143 -16.91 17.68 -10.75
N LEU A 144 -16.07 18.14 -9.84
CA LEU A 144 -14.89 18.90 -10.20
C LEU A 144 -13.92 18.00 -10.93
N ALA A 145 -13.45 18.44 -12.07
CA ALA A 145 -12.41 17.79 -12.87
C ALA A 145 -11.29 18.78 -13.25
N ASP A 146 -10.22 18.22 -13.80
CA ASP A 146 -9.02 18.95 -14.29
C ASP A 146 -8.39 19.72 -13.13
N PHE A 147 -7.56 19.04 -12.35
CA PHE A 147 -6.78 19.67 -11.26
C PHE A 147 -5.36 19.92 -11.75
N GLY A 148 -5.18 20.01 -13.07
CA GLY A 148 -3.86 20.31 -13.66
C GLY A 148 -3.33 21.67 -13.27
N LEU A 149 -4.24 22.63 -13.05
CA LEU A 149 -3.87 24.01 -12.70
C LEU A 149 -4.14 24.25 -11.25
N ALA A 150 -4.38 23.20 -10.48
CA ALA A 150 -4.53 23.26 -9.00
C ALA A 150 -3.20 23.53 -8.32
N ARG A 151 -3.19 23.62 -7.01
CA ARG A 151 -1.97 23.82 -6.20
C ARG A 151 -2.27 23.57 -4.72
N ALA A 152 -1.39 23.08 -3.99
CA ALA A 152 -1.47 22.88 -2.54
C ALA A 152 -1.09 24.24 -1.97
N PHE A 153 -1.86 24.79 -1.08
CA PHE A 153 -1.56 26.15 -0.55
C PHE A 153 -1.18 26.00 0.91
N GLY A 154 -0.67 27.07 1.48
CA GLY A 154 -0.17 27.08 2.86
C GLY A 154 -1.00 28.03 3.70
N VAL A 155 -0.82 27.96 5.01
CA VAL A 155 -1.43 28.93 5.96
C VAL A 155 -0.27 29.66 6.64
N PRO A 156 -0.09 30.98 6.39
CA PRO A 156 -0.85 31.71 5.38
C PRO A 156 -0.26 31.54 3.97
N VAL A 157 -1.00 31.97 2.97
CA VAL A 157 -0.60 31.80 1.55
C VAL A 157 0.68 32.59 1.30
N ARG A 158 1.60 32.00 0.51
CA ARG A 158 2.65 32.76 -0.21
C ARG A 158 2.01 33.34 -1.48
N THR A 159 2.79 34.13 -2.22
CA THR A 159 2.53 34.49 -3.63
C THR A 159 2.66 33.24 -4.52
N TYR A 160 1.62 32.99 -5.32
CA TYR A 160 1.63 31.92 -6.36
C TYR A 160 1.52 32.60 -7.71
N TPO A 161 1.35 31.76 -8.74
CA TPO A 161 1.24 32.15 -10.15
CB TPO A 161 0.97 30.85 -10.94
CG2 TPO A 161 1.08 30.96 -12.44
OG1 TPO A 161 2.00 29.89 -10.52
P TPO A 161 1.63 28.35 -10.08
O1P TPO A 161 1.05 28.49 -8.68
O2P TPO A 161 2.98 27.62 -10.11
O3P TPO A 161 0.61 27.81 -11.11
C TPO A 161 0.21 33.26 -10.36
O TPO A 161 -0.91 33.11 -9.86
N HIS A 162 0.57 34.35 -11.10
CA HIS A 162 -0.36 35.38 -11.58
C HIS A 162 -1.09 34.88 -12.84
N GLU A 163 -2.22 35.48 -13.23
CA GLU A 163 -2.94 35.08 -14.48
C GLU A 163 -3.11 33.55 -14.40
N VAL A 164 -3.73 33.14 -13.30
CA VAL A 164 -4.42 31.84 -13.15
C VAL A 164 -5.92 32.12 -13.34
N VAL A 165 -6.70 31.08 -13.69
CA VAL A 165 -8.18 31.05 -13.90
C VAL A 165 -8.49 31.60 -15.30
N THR A 166 -9.38 30.95 -16.02
CA THR A 166 -9.85 31.38 -17.37
C THR A 166 -10.49 32.74 -17.21
N LEU A 167 -10.20 33.66 -18.13
CA LEU A 167 -10.50 35.10 -17.95
C LEU A 167 -11.92 35.34 -17.40
N TRP A 168 -12.93 34.84 -18.09
CA TRP A 168 -14.36 35.06 -17.76
C TRP A 168 -14.64 34.72 -16.29
N TYR A 169 -13.88 33.79 -15.67
CA TYR A 169 -14.19 33.22 -14.32
C TYR A 169 -13.17 33.71 -13.29
N ARG A 170 -12.32 34.67 -13.67
CA ARG A 170 -11.17 35.13 -12.85
C ARG A 170 -11.59 36.20 -11.87
N ALA A 171 -11.16 36.04 -10.61
CA ALA A 171 -11.56 36.92 -9.51
C ALA A 171 -10.90 38.28 -9.71
N PRO A 172 -11.48 39.37 -9.16
CA PRO A 172 -10.91 40.70 -9.35
C PRO A 172 -9.54 40.92 -8.67
N GLU A 173 -9.31 40.24 -7.56
CA GLU A 173 -8.03 40.42 -6.83
C GLU A 173 -6.88 39.91 -7.70
N ILE A 174 -7.17 39.07 -8.71
CA ILE A 174 -6.11 38.55 -9.62
C ILE A 174 -5.84 39.61 -10.69
N LEU A 175 -6.92 40.10 -11.29
CA LEU A 175 -6.86 41.13 -12.37
C LEU A 175 -6.13 42.37 -11.85
N LEU A 176 -6.36 42.72 -10.58
CA LEU A 176 -5.72 43.87 -9.94
C LEU A 176 -4.30 43.51 -9.46
N GLY A 177 -3.87 42.26 -9.60
CA GLY A 177 -2.51 41.85 -9.27
C GLY A 177 -2.21 41.88 -7.78
N CYS A 178 -3.13 41.50 -6.90
CA CYS A 178 -2.82 41.27 -5.45
C CYS A 178 -1.61 40.33 -5.41
N LYS A 179 -0.70 40.57 -4.47
CA LYS A 179 0.47 39.67 -4.27
C LYS A 179 -0.06 38.27 -3.90
N TYR A 180 -1.13 38.25 -3.12
CA TYR A 180 -1.68 37.03 -2.49
C TYR A 180 -3.10 36.78 -2.97
N TYR A 181 -3.38 35.53 -3.30
CA TYR A 181 -4.77 35.02 -3.45
C TYR A 181 -4.86 33.63 -2.80
N SER A 182 -6.08 33.28 -2.40
CA SER A 182 -6.37 31.99 -1.74
C SER A 182 -7.71 31.41 -2.26
N THR A 183 -8.58 30.98 -1.34
CA THR A 183 -9.75 30.12 -1.66
C THR A 183 -10.91 30.94 -2.23
N ALA A 184 -10.94 32.24 -1.99
CA ALA A 184 -12.01 33.13 -2.47
C ALA A 184 -12.04 33.13 -4.01
N VAL A 185 -10.89 32.92 -4.60
CA VAL A 185 -10.71 32.87 -6.09
C VAL A 185 -11.65 31.82 -6.65
N ASP A 186 -11.77 30.71 -5.93
CA ASP A 186 -12.53 29.51 -6.33
C ASP A 186 -14.01 29.80 -6.08
N ILE A 187 -14.31 30.52 -5.02
CA ILE A 187 -15.70 30.97 -4.75
C ILE A 187 -16.11 31.93 -5.84
N TRP A 188 -15.29 32.90 -6.22
CA TRP A 188 -15.66 33.82 -7.34
C TRP A 188 -16.15 33.02 -8.54
N SER A 189 -15.29 32.15 -9.07
CA SER A 189 -15.59 31.27 -10.23
C SER A 189 -16.98 30.62 -10.08
N LEU A 190 -17.32 30.11 -8.90
CA LEU A 190 -18.61 29.40 -8.73
C LEU A 190 -19.75 30.41 -8.67
N GLY A 191 -19.47 31.60 -8.13
CA GLY A 191 -20.39 32.73 -8.29
C GLY A 191 -20.74 32.90 -9.77
N CYS A 192 -19.72 33.01 -10.59
CA CYS A 192 -19.91 33.25 -12.02
C CYS A 192 -20.74 32.11 -12.58
N ILE A 193 -20.46 30.88 -12.12
CA ILE A 193 -21.06 29.67 -12.75
C ILE A 193 -22.52 29.55 -12.28
N PHE A 194 -22.78 29.91 -11.03
CA PHE A 194 -24.14 29.97 -10.45
C PHE A 194 -25.06 30.81 -11.37
N ALA A 195 -24.66 32.05 -11.65
CA ALA A 195 -25.46 33.00 -12.44
C ALA A 195 -25.54 32.49 -13.88
N GLU A 196 -24.46 31.89 -14.37
CA GLU A 196 -24.46 31.35 -15.73
C GLU A 196 -25.45 30.18 -15.79
N MET A 197 -25.66 29.45 -14.72
CA MET A 197 -26.71 28.38 -14.77
C MET A 197 -28.10 29.02 -14.85
N VAL A 198 -28.29 30.10 -14.10
CA VAL A 198 -29.58 30.81 -13.94
C VAL A 198 -30.01 31.46 -15.26
N THR A 199 -29.07 32.17 -15.92
CA THR A 199 -29.33 32.94 -17.16
C THR A 199 -28.83 32.22 -18.41
N ARG A 200 -28.06 31.16 -18.31
CA ARG A 200 -27.55 30.40 -19.49
C ARG A 200 -26.76 31.34 -20.42
N ARG A 201 -26.26 32.45 -19.89
CA ARG A 201 -25.19 33.25 -20.55
C ARG A 201 -24.11 33.55 -19.49
N ALA A 202 -22.86 33.60 -19.91
CA ALA A 202 -21.68 33.94 -19.06
C ALA A 202 -21.83 35.35 -18.47
N LEU A 203 -21.57 35.50 -17.17
CA LEU A 203 -21.88 36.75 -16.43
C LEU A 203 -20.89 37.84 -16.90
N PHE A 204 -19.60 37.48 -16.99
CA PHE A 204 -18.50 38.45 -17.27
C PHE A 204 -17.64 37.97 -18.42
N PRO A 205 -18.15 38.03 -19.68
CA PRO A 205 -17.42 37.57 -20.86
C PRO A 205 -16.49 38.58 -21.51
N GLY A 206 -15.42 38.93 -20.80
CA GLY A 206 -14.37 39.83 -21.29
C GLY A 206 -13.44 39.13 -22.26
N ASP A 207 -12.79 39.95 -23.09
CA ASP A 207 -11.83 39.57 -24.16
C ASP A 207 -10.42 40.08 -23.82
N SER A 208 -10.31 41.03 -22.88
CA SER A 208 -9.01 41.46 -22.28
C SER A 208 -9.16 41.55 -20.78
N GLU A 209 -8.03 41.68 -20.09
CA GLU A 209 -7.98 41.78 -18.60
C GLU A 209 -8.71 43.06 -18.18
N ILE A 210 -8.52 44.15 -18.93
CA ILE A 210 -9.18 45.45 -18.62
C ILE A 210 -10.68 45.32 -18.90
N ASP A 211 -11.05 44.74 -20.04
CA ASP A 211 -12.49 44.55 -20.35
C ASP A 211 -13.20 43.69 -19.30
N GLN A 212 -12.50 42.69 -18.74
CA GLN A 212 -13.07 41.74 -17.75
C GLN A 212 -13.37 42.50 -16.46
N LEU A 213 -12.40 43.26 -16.01
CA LEU A 213 -12.53 44.19 -14.87
C LEU A 213 -13.71 45.13 -15.08
N PHE A 214 -13.79 45.73 -16.27
CA PHE A 214 -14.81 46.78 -16.52
C PHE A 214 -16.20 46.15 -16.56
N ARG A 215 -16.28 44.91 -17.03
CA ARG A 215 -17.57 44.17 -16.98
C ARG A 215 -17.97 43.96 -15.51
N ILE A 216 -17.00 43.69 -14.67
CA ILE A 216 -17.29 43.36 -13.24
C ILE A 216 -17.79 44.66 -12.61
N PHE A 217 -17.05 45.75 -12.86
CA PHE A 217 -17.32 47.11 -12.29
C PHE A 217 -18.69 47.61 -12.73
N ARG A 218 -18.97 47.51 -14.03
CA ARG A 218 -20.31 47.88 -14.57
C ARG A 218 -21.44 47.18 -13.80
N THR A 219 -21.22 45.94 -13.37
CA THR A 219 -22.28 45.08 -12.77
C THR A 219 -22.34 45.24 -11.24
N LEU A 220 -21.21 45.23 -10.58
CA LEU A 220 -21.15 45.26 -9.08
C LEU A 220 -20.72 46.66 -8.60
N GLY A 221 -20.39 47.55 -9.52
CA GLY A 221 -19.88 48.88 -9.17
C GLY A 221 -18.37 48.87 -9.05
N THR A 222 -17.74 49.94 -9.51
CA THR A 222 -16.30 50.21 -9.28
C THR A 222 -16.05 50.25 -7.78
N PRO A 223 -15.20 49.36 -7.23
CA PRO A 223 -14.95 49.35 -5.79
C PRO A 223 -14.12 50.55 -5.35
N ASP A 224 -14.30 50.92 -4.08
CA ASP A 224 -13.62 52.08 -3.45
C ASP A 224 -13.07 51.59 -2.13
N GLU A 225 -12.38 52.49 -1.43
CA GLU A 225 -11.59 52.15 -0.23
C GLU A 225 -12.53 51.76 0.91
N VAL A 226 -13.83 51.96 0.73
CA VAL A 226 -14.88 51.59 1.73
C VAL A 226 -15.37 50.15 1.47
N VAL A 227 -15.72 49.87 0.22
CA VAL A 227 -16.24 48.56 -0.23
C VAL A 227 -15.12 47.53 -0.05
N TRP A 228 -13.89 47.90 -0.40
CA TRP A 228 -12.74 46.99 -0.49
C TRP A 228 -11.50 47.77 -0.09
N PRO A 229 -11.25 47.85 1.24
CA PRO A 229 -10.09 48.56 1.78
C PRO A 229 -8.77 48.00 1.22
N GLY A 230 -7.97 48.87 0.60
CA GLY A 230 -6.69 48.52 -0.04
C GLY A 230 -6.76 48.61 -1.55
N VAL A 231 -7.95 48.50 -2.11
CA VAL A 231 -8.09 48.29 -3.57
C VAL A 231 -7.31 49.35 -4.35
N THR A 232 -7.44 50.63 -3.97
CA THR A 232 -6.99 51.79 -4.79
C THR A 232 -5.47 51.94 -4.75
N SER A 233 -4.80 51.16 -3.91
CA SER A 233 -3.32 51.08 -3.95
C SER A 233 -2.92 49.63 -4.23
N MET A 234 -3.63 48.92 -5.11
CA MET A 234 -3.21 47.58 -5.57
C MET A 234 -2.40 47.73 -6.85
N PRO A 235 -1.52 46.78 -7.19
CA PRO A 235 -0.58 46.96 -8.30
C PRO A 235 -1.21 47.48 -9.60
N ASP A 236 -2.26 46.83 -10.08
CA ASP A 236 -2.83 47.14 -11.42
C ASP A 236 -4.12 47.97 -11.29
N TYR A 237 -4.35 48.60 -10.13
CA TYR A 237 -5.43 49.61 -9.94
C TYR A 237 -4.98 50.92 -10.59
N LYS A 238 -5.84 51.53 -11.39
CA LYS A 238 -5.58 52.89 -11.93
C LYS A 238 -6.66 53.81 -11.39
N PRO A 239 -6.33 54.98 -10.82
CA PRO A 239 -7.37 55.87 -10.31
C PRO A 239 -8.22 56.44 -11.46
N SER A 240 -7.74 56.29 -12.71
CA SER A 240 -8.45 56.74 -13.93
C SER A 240 -9.70 55.90 -14.20
N PHE A 241 -9.80 54.68 -13.63
CA PHE A 241 -10.90 53.74 -13.90
C PHE A 241 -12.24 54.43 -13.67
N PRO A 242 -13.21 54.28 -14.59
CA PRO A 242 -14.56 54.82 -14.38
C PRO A 242 -15.17 54.30 -13.07
N LYS A 243 -15.96 55.16 -12.44
CA LYS A 243 -16.80 54.87 -11.24
C LYS A 243 -18.22 54.58 -11.72
N TRP A 244 -18.53 53.32 -11.95
CA TRP A 244 -19.92 52.87 -12.20
C TRP A 244 -20.54 52.61 -10.84
N ALA A 245 -21.81 52.96 -10.70
CA ALA A 245 -22.55 52.59 -9.48
C ALA A 245 -23.01 51.14 -9.64
N ARG A 246 -23.35 50.56 -8.49
CA ARG A 246 -23.78 49.16 -8.41
C ARG A 246 -25.18 48.98 -9.01
N GLN A 247 -25.27 48.16 -10.05
CA GLN A 247 -26.54 47.65 -10.62
C GLN A 247 -27.27 46.77 -9.61
N ASP A 248 -28.60 46.90 -9.56
CA ASP A 248 -29.51 46.14 -8.66
C ASP A 248 -29.67 44.69 -9.17
N PHE A 249 -29.45 43.74 -8.26
CA PHE A 249 -29.29 42.30 -8.63
C PHE A 249 -30.54 41.78 -9.32
N SER A 250 -31.73 42.27 -8.98
CA SER A 250 -32.95 41.71 -9.61
C SER A 250 -32.84 41.89 -11.13
N LYS A 251 -31.95 42.79 -11.59
CA LYS A 251 -31.67 42.98 -13.04
C LYS A 251 -30.54 42.04 -13.49
N VAL A 252 -29.49 41.88 -12.66
CA VAL A 252 -28.31 40.99 -12.91
C VAL A 252 -28.73 39.52 -13.08
N VAL A 253 -29.54 39.00 -12.15
CA VAL A 253 -30.13 37.63 -12.21
C VAL A 253 -31.64 37.74 -11.95
N PRO A 254 -32.42 38.08 -13.00
CA PRO A 254 -33.87 38.21 -12.88
C PRO A 254 -34.59 36.99 -12.32
N PRO A 255 -34.33 35.75 -12.78
CA PRO A 255 -35.05 34.58 -12.29
C PRO A 255 -34.94 34.28 -10.78
N LEU A 256 -34.03 34.97 -10.07
CA LEU A 256 -33.43 34.47 -8.80
C LEU A 256 -34.14 35.05 -7.59
N ASP A 257 -34.52 34.18 -6.64
CA ASP A 257 -35.23 34.58 -5.39
C ASP A 257 -34.28 35.33 -4.44
N GLU A 258 -34.84 35.89 -3.37
CA GLU A 258 -34.12 36.73 -2.36
C GLU A 258 -32.94 35.94 -1.76
N ASP A 259 -33.09 34.63 -1.60
CA ASP A 259 -32.07 33.78 -0.94
C ASP A 259 -30.93 33.50 -1.92
N GLY A 260 -31.25 33.08 -3.15
CA GLY A 260 -30.24 32.93 -4.21
C GLY A 260 -29.49 34.23 -4.43
N ARG A 261 -30.19 35.35 -4.41
CA ARG A 261 -29.56 36.68 -4.62
C ARG A 261 -28.60 36.96 -3.47
N SER A 262 -29.01 36.66 -2.23
CA SER A 262 -28.20 36.89 -1.01
C SER A 262 -26.90 36.10 -1.14
N LEU A 263 -27.01 34.84 -1.52
CA LEU A 263 -25.84 33.96 -1.64
C LEU A 263 -24.93 34.50 -2.75
N LEU A 264 -25.45 34.77 -3.94
CA LEU A 264 -24.63 35.15 -5.12
C LEU A 264 -23.84 36.42 -4.78
N SER A 265 -24.53 37.32 -4.10
CA SER A 265 -24.00 38.60 -3.59
C SER A 265 -22.76 38.32 -2.77
N GLN A 266 -22.88 37.39 -1.84
CA GLN A 266 -21.82 37.11 -0.85
C GLN A 266 -20.70 36.30 -1.51
N MET A 267 -21.01 35.57 -2.57
CA MET A 267 -20.01 34.80 -3.35
C MET A 267 -19.23 35.74 -4.26
N LEU A 268 -19.80 36.92 -4.60
CA LEU A 268 -19.14 37.93 -5.47
C LEU A 268 -18.70 39.17 -4.66
N HIS A 269 -18.60 39.07 -3.33
N HIS A 269 -18.63 39.10 -3.31
CA HIS A 269 -18.02 40.12 -2.46
CA HIS A 269 -18.10 40.22 -2.48
C HIS A 269 -16.67 40.50 -3.04
C HIS A 269 -16.69 40.51 -2.99
N TYR A 270 -16.38 41.79 -3.14
CA TYR A 270 -15.12 42.30 -3.73
C TYR A 270 -13.96 41.92 -2.80
N ASP A 271 -14.03 42.38 -1.55
CA ASP A 271 -12.97 42.09 -0.55
C ASP A 271 -12.85 40.58 -0.40
N PRO A 272 -11.74 39.93 -0.79
CA PRO A 272 -11.63 38.48 -0.63
C PRO A 272 -11.78 37.99 0.81
N ASN A 273 -11.48 38.82 1.82
CA ASN A 273 -11.53 38.37 3.24
C ASN A 273 -12.98 38.24 3.70
N LYS A 274 -13.93 38.93 3.06
CA LYS A 274 -15.35 38.95 3.49
C LYS A 274 -16.17 38.11 2.52
N ARG A 275 -15.56 37.69 1.42
CA ARG A 275 -16.24 36.81 0.45
C ARG A 275 -16.45 35.49 1.15
N ILE A 276 -17.56 34.85 0.82
CA ILE A 276 -18.12 33.68 1.54
C ILE A 276 -17.26 32.46 1.25
N SER A 277 -17.13 31.60 2.24
CA SER A 277 -16.37 30.34 2.13
C SER A 277 -17.32 29.30 1.59
N ALA A 278 -16.80 28.17 1.09
CA ALA A 278 -17.62 27.05 0.62
C ALA A 278 -18.45 26.52 1.76
N LYS A 279 -17.87 26.36 2.94
CA LYS A 279 -18.56 25.76 4.12
C LYS A 279 -19.73 26.64 4.52
N ALA A 280 -19.49 27.93 4.58
CA ALA A 280 -20.51 28.91 5.02
C ALA A 280 -21.60 28.96 3.96
N ALA A 281 -21.22 28.81 2.70
CA ALA A 281 -22.15 28.90 1.56
C ALA A 281 -23.09 27.70 1.66
N LEU A 282 -22.55 26.55 1.99
CA LEU A 282 -23.36 25.32 2.10
C LEU A 282 -24.46 25.50 3.16
N ALA A 283 -24.25 26.34 4.16
CA ALA A 283 -25.17 26.52 5.30
C ALA A 283 -26.17 27.65 5.02
N HIS A 284 -26.12 28.22 3.83
CA HIS A 284 -26.95 29.42 3.54
C HIS A 284 -28.39 28.99 3.29
N PRO A 285 -29.38 29.74 3.82
CA PRO A 285 -30.81 29.43 3.65
C PRO A 285 -31.29 28.94 2.27
N PHE A 286 -30.68 29.43 1.19
CA PHE A 286 -30.91 28.97 -0.20
C PHE A 286 -30.87 27.46 -0.31
N PHE A 287 -30.16 26.77 0.59
CA PHE A 287 -29.93 25.31 0.56
C PHE A 287 -30.71 24.62 1.70
N GLN A 288 -31.81 25.19 2.13
CA GLN A 288 -32.61 24.58 3.22
C GLN A 288 -33.37 23.38 2.63
N ASP A 289 -33.78 23.48 1.35
CA ASP A 289 -34.89 22.72 0.74
C ASP A 289 -34.37 21.88 -0.43
N VAL A 290 -33.09 21.53 -0.41
CA VAL A 290 -32.34 21.07 -1.63
C VAL A 290 -32.54 19.58 -1.81
N THR A 291 -32.73 19.14 -3.05
CA THR A 291 -32.88 17.69 -3.45
C THR A 291 -31.79 17.35 -4.46
N LYS A 292 -31.79 16.13 -5.00
CA LYS A 292 -30.82 15.69 -6.04
C LYS A 292 -31.54 15.31 -7.34
N PRO A 293 -32.32 16.24 -7.97
CA PRO A 293 -33.00 15.92 -9.23
C PRO A 293 -32.10 15.47 -10.40
N VAL A 294 -32.77 14.99 -11.45
CA VAL A 294 -32.13 14.38 -12.66
C VAL A 294 -32.16 15.32 -13.86
N PRO A 295 -31.11 15.33 -14.72
CA PRO A 295 -31.18 15.98 -16.02
C PRO A 295 -31.93 15.10 -17.01
N ASP B 3 -12.21 28.61 9.22
CA ASP B 3 -12.71 27.25 9.68
C ASP B 3 -12.21 26.16 8.73
N TYR B 4 -11.82 26.55 7.51
CA TYR B 4 -10.98 25.71 6.61
C TYR B 4 -9.52 25.73 7.14
N HIS B 5 -9.15 26.67 8.03
CA HIS B 5 -7.79 26.74 8.64
C HIS B 5 -7.63 25.60 9.66
N GLU B 6 -8.55 25.48 10.60
CA GLU B 6 -8.51 24.37 11.58
C GLU B 6 -8.57 23.03 10.83
N ASP B 7 -9.28 22.96 9.72
CA ASP B 7 -9.47 21.68 8.98
C ASP B 7 -8.15 21.25 8.38
N ILE B 8 -7.39 22.18 7.81
CA ILE B 8 -6.03 21.95 7.24
C ILE B 8 -5.08 21.49 8.35
N HIS B 9 -5.03 22.17 9.49
CA HIS B 9 -4.14 21.74 10.59
C HIS B 9 -4.40 20.27 10.91
N THR B 10 -5.66 19.87 10.91
CA THR B 10 -6.06 18.49 11.29
C THR B 10 -5.58 17.57 10.18
N TYR B 11 -5.87 17.86 8.92
CA TYR B 11 -5.47 17.00 7.78
C TYR B 11 -3.92 16.80 7.79
N LEU B 12 -3.17 17.88 7.97
CA LEU B 12 -1.69 17.86 7.97
C LEU B 12 -1.20 16.97 9.12
N ARG B 13 -1.87 17.01 10.26
CA ARG B 13 -1.46 16.19 11.42
C ARG B 13 -1.68 14.71 11.13
N GLU B 14 -2.76 14.37 10.41
CA GLU B 14 -3.02 12.99 9.93
C GLU B 14 -1.93 12.58 8.97
N MET B 15 -1.61 13.46 8.01
CA MET B 15 -0.76 13.13 6.84
C MET B 15 0.72 13.02 7.21
N GLU B 16 1.16 13.76 8.24
CA GLU B 16 2.58 13.88 8.60
C GLU B 16 2.97 12.55 9.23
N VAL B 17 1.98 11.75 9.66
CA VAL B 17 2.23 10.39 10.23
C VAL B 17 2.40 9.35 9.13
N LYS B 18 1.77 9.55 7.96
CA LYS B 18 1.77 8.60 6.83
C LYS B 18 2.91 8.88 5.86
N CYS B 19 3.33 10.15 5.75
CA CYS B 19 4.47 10.62 4.89
C CYS B 19 5.76 10.56 5.71
N LYS B 20 5.76 9.75 6.77
CA LYS B 20 6.90 9.63 7.71
C LYS B 20 7.83 8.55 7.17
N PRO B 21 9.17 8.81 7.12
CA PRO B 21 10.16 7.77 6.90
C PRO B 21 10.40 6.91 8.16
N LYS B 22 10.92 5.70 7.91
CA LYS B 22 11.29 4.72 8.96
C LYS B 22 12.50 5.26 9.72
N VAL B 23 12.49 5.16 11.05
CA VAL B 23 13.38 6.02 11.88
C VAL B 23 14.84 5.60 11.68
N GLY B 24 15.14 4.29 11.72
CA GLY B 24 16.53 3.80 11.65
C GLY B 24 16.80 3.17 10.31
N TYR B 25 16.36 3.79 9.25
CA TYR B 25 16.49 3.26 7.87
C TYR B 25 17.97 3.31 7.45
N MET B 26 18.78 4.13 8.11
CA MET B 26 20.16 4.38 7.64
C MET B 26 21.07 3.21 8.02
N LYS B 27 20.69 2.50 9.09
CA LYS B 27 21.41 1.28 9.59
C LYS B 27 21.28 0.19 8.55
N LYS B 28 20.20 0.18 7.79
CA LYS B 28 19.94 -0.85 6.77
C LYS B 28 20.55 -0.41 5.43
N GLN B 29 21.09 0.79 5.36
CA GLN B 29 21.71 1.25 4.11
C GLN B 29 23.14 0.75 4.21
N PRO B 30 23.53 -0.22 3.35
CA PRO B 30 24.86 -0.82 3.45
C PRO B 30 25.97 0.18 3.18
N ASP B 31 25.83 1.08 2.20
CA ASP B 31 26.98 1.86 1.66
C ASP B 31 26.88 3.36 1.93
N ILE B 32 25.78 3.83 2.52
CA ILE B 32 25.66 5.27 2.88
C ILE B 32 25.35 5.37 4.37
N THR B 33 25.52 6.60 4.89
CA THR B 33 25.46 6.97 6.32
C THR B 33 24.75 8.31 6.51
N ASN B 34 24.48 8.68 7.76
CA ASN B 34 23.91 9.99 8.15
C ASN B 34 24.81 11.16 7.69
N SER B 35 26.10 10.93 7.67
CA SER B 35 27.08 11.98 7.35
C SER B 35 26.95 12.29 5.86
N MET B 36 26.88 11.23 5.07
CA MET B 36 26.74 11.40 3.61
C MET B 36 25.44 12.14 3.31
N ARG B 37 24.37 11.75 3.99
CA ARG B 37 23.01 12.39 3.91
C ARG B 37 23.16 13.88 4.23
N ALA B 38 23.79 14.19 5.35
CA ALA B 38 23.86 15.59 5.87
C ALA B 38 24.68 16.46 4.92
N ILE B 39 25.63 15.86 4.22
CA ILE B 39 26.39 16.58 3.15
C ILE B 39 25.46 16.88 1.97
N LEU B 40 24.65 15.93 1.53
CA LEU B 40 23.71 16.05 0.39
C LEU B 40 22.65 17.11 0.73
N VAL B 41 22.18 17.14 1.96
CA VAL B 41 21.10 18.07 2.36
C VAL B 41 21.69 19.49 2.34
N ASP B 42 22.88 19.66 2.93
CA ASP B 42 23.57 20.97 3.05
C ASP B 42 23.84 21.52 1.64
N TRP B 43 24.13 20.63 0.69
CA TRP B 43 24.33 20.99 -0.74
C TRP B 43 23.01 21.50 -1.32
N LEU B 44 21.93 20.81 -1.01
CA LEU B 44 20.63 21.15 -1.57
C LEU B 44 20.25 22.53 -1.07
N VAL B 45 20.71 22.92 0.13
CA VAL B 45 20.53 24.32 0.63
C VAL B 45 21.22 25.24 -0.38
N GLU B 46 22.51 24.99 -0.61
CA GLU B 46 23.35 25.81 -1.52
C GLU B 46 22.61 25.87 -2.84
N VAL B 47 21.94 24.79 -3.22
CA VAL B 47 21.24 24.69 -4.52
C VAL B 47 19.98 25.54 -4.45
N GLY B 48 19.24 25.43 -3.36
CA GLY B 48 18.12 26.36 -3.10
C GLY B 48 18.53 27.81 -3.34
N GLU B 49 19.67 28.25 -2.80
CA GLU B 49 20.08 29.68 -2.76
C GLU B 49 20.40 30.19 -4.15
N GLU B 50 21.27 29.51 -4.90
CA GLU B 50 21.66 29.86 -6.30
C GLU B 50 20.40 30.00 -7.16
N TYR B 51 19.47 29.05 -7.06
CA TYR B 51 18.21 28.97 -7.86
C TYR B 51 17.04 29.71 -7.17
N LYS B 52 17.29 30.34 -6.04
CA LYS B 52 16.28 31.19 -5.35
C LYS B 52 14.98 30.41 -5.18
N LEU B 53 15.10 29.12 -4.89
CA LEU B 53 13.95 28.24 -4.60
C LEU B 53 13.39 28.59 -3.21
N GLN B 54 12.09 28.36 -3.03
CA GLN B 54 11.40 28.49 -1.74
C GLN B 54 12.05 27.57 -0.69
N ASN B 55 11.96 27.93 0.58
CA ASN B 55 12.44 27.05 1.67
C ASN B 55 11.63 25.73 1.72
N GLU B 56 10.36 25.80 1.35
CA GLU B 56 9.42 24.64 1.35
C GLU B 56 9.90 23.60 0.32
N THR B 57 10.27 24.06 -0.88
CA THR B 57 10.89 23.22 -1.94
C THR B 57 11.98 22.31 -1.33
N LEU B 58 12.84 22.87 -0.48
CA LEU B 58 13.94 22.14 0.19
C LEU B 58 13.34 21.19 1.24
N HIS B 59 12.33 21.60 2.00
CA HIS B 59 11.81 20.76 3.09
C HIS B 59 11.15 19.54 2.46
N LEU B 60 10.57 19.73 1.25
CA LEU B 60 9.84 18.65 0.55
C LEU B 60 10.84 17.67 -0.06
N ALA B 61 11.94 18.20 -0.61
CA ALA B 61 12.98 17.39 -1.30
C ALA B 61 13.62 16.40 -0.33
N VAL B 62 13.78 16.83 0.90
CA VAL B 62 14.43 16.02 1.96
C VAL B 62 13.46 14.93 2.38
N ASN B 63 12.17 15.29 2.53
CA ASN B 63 11.07 14.35 2.84
C ASN B 63 11.07 13.26 1.75
N TYR B 64 11.23 13.65 0.49
CA TYR B 64 11.23 12.72 -0.64
C TYR B 64 12.47 11.83 -0.53
N ILE B 65 13.64 12.43 -0.32
CA ILE B 65 14.91 11.66 -0.18
C ILE B 65 14.73 10.62 0.94
N ASP B 66 14.36 11.04 2.15
CA ASP B 66 14.31 10.12 3.31
C ASP B 66 13.36 8.94 3.00
N ARG B 67 12.21 9.21 2.37
CA ARG B 67 11.17 8.17 2.15
C ARG B 67 11.70 7.19 1.11
N PHE B 68 12.43 7.72 0.15
CA PHE B 68 13.00 6.90 -0.95
C PHE B 68 14.04 5.95 -0.40
N LEU B 69 14.90 6.47 0.50
CA LEU B 69 15.99 5.69 1.12
C LEU B 69 15.46 4.74 2.20
N SER B 70 14.28 4.99 2.74
CA SER B 70 13.58 4.02 3.62
C SER B 70 13.24 2.73 2.86
N SER B 71 13.20 2.70 1.54
CA SER B 71 12.76 1.48 0.81
C SER B 71 13.78 1.04 -0.23
N MET B 72 14.72 1.88 -0.66
CA MET B 72 15.69 1.52 -1.72
C MET B 72 17.11 1.63 -1.19
N SER B 73 17.91 0.59 -1.42
CA SER B 73 19.38 0.62 -1.24
C SER B 73 20.00 1.55 -2.29
N VAL B 74 20.84 2.47 -1.83
CA VAL B 74 21.54 3.39 -2.75
C VAL B 74 23.03 3.35 -2.38
N LEU B 75 23.85 3.12 -3.38
CA LEU B 75 25.31 3.23 -3.20
C LEU B 75 25.66 4.71 -3.22
N ARG B 76 26.79 5.08 -2.62
CA ARG B 76 27.17 6.50 -2.39
C ARG B 76 27.28 7.26 -3.71
N GLY B 77 27.75 6.62 -4.77
CA GLY B 77 27.97 7.28 -6.07
C GLY B 77 26.67 7.67 -6.72
N LYS B 78 25.56 7.19 -6.18
CA LYS B 78 24.20 7.47 -6.72
C LYS B 78 23.41 8.41 -5.80
N LEU B 79 23.93 8.77 -4.62
CA LEU B 79 23.16 9.52 -3.60
C LEU B 79 22.86 10.94 -4.07
N GLN B 80 23.77 11.59 -4.76
CA GLN B 80 23.52 12.96 -5.30
C GLN B 80 22.45 12.97 -6.42
N LEU B 81 22.12 11.83 -7.02
CA LEU B 81 21.18 11.71 -8.16
C LEU B 81 19.76 11.64 -7.61
N VAL B 82 19.67 10.99 -6.46
CA VAL B 82 18.40 10.87 -5.71
C VAL B 82 18.09 12.26 -5.19
N GLY B 83 19.10 12.94 -4.65
CA GLY B 83 18.93 14.32 -4.14
C GLY B 83 18.58 15.30 -5.23
N THR B 84 19.22 15.18 -6.39
CA THR B 84 18.96 16.01 -7.61
C THR B 84 17.53 15.76 -8.12
N ALA B 85 17.14 14.49 -8.30
CA ALA B 85 15.80 14.14 -8.81
C ALA B 85 14.74 14.60 -7.81
N ALA B 86 14.98 14.45 -6.52
CA ALA B 86 13.96 14.84 -5.52
C ALA B 86 13.72 16.34 -5.55
N MET B 87 14.79 17.11 -5.78
CA MET B 87 14.78 18.58 -5.70
C MET B 87 14.06 19.08 -6.95
N LEU B 88 14.22 18.38 -8.08
CA LEU B 88 13.52 18.69 -9.37
C LEU B 88 12.03 18.36 -9.24
N LEU B 89 11.72 17.19 -8.71
CA LEU B 89 10.33 16.87 -8.35
C LEU B 89 9.76 17.92 -7.40
N ALA B 90 10.49 18.38 -6.39
CA ALA B 90 9.89 19.25 -5.35
C ALA B 90 9.65 20.65 -5.96
N SER B 91 10.50 21.03 -6.89
CA SER B 91 10.43 22.33 -7.56
C SER B 91 9.25 22.28 -8.49
N LYS B 92 9.02 21.16 -9.16
CA LYS B 92 7.88 21.04 -10.13
C LYS B 92 6.57 21.19 -9.40
N PHE B 93 6.53 20.66 -8.18
CA PHE B 93 5.31 20.70 -7.34
C PHE B 93 5.14 22.13 -6.81
N GLU B 94 6.17 22.69 -6.18
CA GLU B 94 6.01 23.84 -5.24
C GLU B 94 6.41 25.17 -5.87
N GLU B 95 7.14 25.17 -6.97
CA GLU B 95 7.71 26.41 -7.55
C GLU B 95 6.83 26.95 -8.66
N ILE B 96 6.81 28.26 -8.76
CA ILE B 96 6.18 28.93 -9.93
C ILE B 96 7.04 28.64 -11.17
N TYR B 97 8.35 28.84 -11.03
CA TYR B 97 9.32 28.67 -12.14
C TYR B 97 10.31 27.62 -11.68
N PRO B 98 10.03 26.31 -11.95
CA PRO B 98 10.96 25.25 -11.58
C PRO B 98 12.15 25.33 -12.52
N PRO B 99 13.40 25.17 -12.03
CA PRO B 99 14.58 25.10 -12.85
C PRO B 99 14.48 23.99 -13.90
N GLU B 100 15.07 24.21 -15.07
CA GLU B 100 15.01 23.20 -16.14
C GLU B 100 16.05 22.09 -15.83
N VAL B 101 15.79 20.92 -16.37
CA VAL B 101 16.57 19.71 -16.04
C VAL B 101 18.04 20.02 -16.30
N ALA B 102 18.33 20.74 -17.39
CA ALA B 102 19.71 20.89 -17.90
C ALA B 102 20.54 21.75 -16.94
N GLU B 103 19.86 22.42 -15.99
CA GLU B 103 20.52 23.21 -14.93
C GLU B 103 20.80 22.37 -13.70
N PHE B 104 19.87 21.50 -13.30
CA PHE B 104 20.15 20.45 -12.28
C PHE B 104 21.35 19.60 -12.74
N VAL B 105 21.46 19.32 -14.04
CA VAL B 105 22.65 18.62 -14.56
C VAL B 105 23.89 19.48 -14.31
N TYR B 106 23.84 20.76 -14.69
CA TYR B 106 25.01 21.69 -14.60
C TYR B 106 25.54 21.68 -13.16
N ILE B 107 24.66 21.65 -12.14
CA ILE B 107 25.08 21.85 -10.73
C ILE B 107 25.57 20.53 -10.14
N THR B 108 25.39 19.43 -10.85
CA THR B 108 26.07 18.15 -10.52
C THR B 108 27.47 18.11 -11.16
N ASP B 109 27.74 19.05 -12.08
CA ASP B 109 28.98 19.18 -12.87
C ASP B 109 29.11 17.98 -13.81
N ASP B 110 28.02 17.61 -14.47
CA ASP B 110 27.96 16.49 -15.44
C ASP B 110 28.36 15.16 -14.77
N THR B 111 28.23 15.05 -13.44
CA THR B 111 28.33 13.74 -12.74
C THR B 111 27.31 12.76 -13.36
N TYR B 112 26.16 13.27 -13.79
CA TYR B 112 25.02 12.48 -14.31
C TYR B 112 24.45 13.14 -15.58
N THR B 113 23.87 12.34 -16.45
CA THR B 113 23.27 12.86 -17.69
C THR B 113 21.83 13.32 -17.45
N LYS B 114 21.23 13.96 -18.44
CA LYS B 114 19.81 14.34 -18.38
C LYS B 114 19.04 13.04 -18.20
N LYS B 115 19.35 12.07 -19.06
CA LYS B 115 18.72 10.74 -19.09
C LYS B 115 18.62 10.25 -17.65
N GLN B 116 19.73 10.25 -16.90
CA GLN B 116 19.74 9.68 -15.53
C GLN B 116 18.88 10.51 -14.57
N VAL B 117 18.85 11.82 -14.74
CA VAL B 117 18.05 12.66 -13.80
C VAL B 117 16.57 12.37 -14.03
N LEU B 118 16.18 12.35 -15.32
CA LEU B 118 14.78 12.13 -15.72
C LEU B 118 14.32 10.74 -15.23
N ARG B 119 15.18 9.74 -15.36
CA ARG B 119 14.88 8.32 -15.02
C ARG B 119 14.78 8.13 -13.50
N MET B 120 15.58 8.83 -12.72
CA MET B 120 15.49 8.78 -11.24
C MET B 120 14.21 9.50 -10.78
N GLU B 121 13.73 10.48 -11.54
CA GLU B 121 12.48 11.21 -11.20
C GLU B 121 11.33 10.23 -11.37
N HIS B 122 11.38 9.40 -12.41
CA HIS B 122 10.34 8.37 -12.64
CA HIS B 122 10.35 8.36 -12.65
C HIS B 122 10.40 7.33 -11.53
N LEU B 123 11.60 6.88 -11.18
CA LEU B 123 11.77 5.89 -10.11
C LEU B 123 11.30 6.49 -8.78
N VAL B 124 11.66 7.74 -8.52
CA VAL B 124 11.32 8.40 -7.24
C VAL B 124 9.79 8.51 -7.19
N LEU B 125 9.17 8.81 -8.33
CA LEU B 125 7.69 8.99 -8.35
C LEU B 125 7.04 7.64 -8.04
N LYS B 126 7.52 6.61 -8.74
CA LYS B 126 7.14 5.20 -8.55
C LYS B 126 7.23 4.85 -7.06
N VAL B 127 8.37 5.07 -6.46
CA VAL B 127 8.64 4.60 -5.07
C VAL B 127 7.79 5.42 -4.10
N LEU B 128 7.56 6.69 -4.35
CA LEU B 128 6.70 7.50 -3.44
C LEU B 128 5.23 7.41 -3.89
N THR B 129 4.96 6.63 -4.94
CA THR B 129 3.59 6.38 -5.46
C THR B 129 2.95 7.74 -5.71
N PHE B 130 3.72 8.67 -6.27
CA PHE B 130 3.26 10.03 -6.65
C PHE B 130 2.80 10.82 -5.42
N ASP B 131 3.08 10.35 -4.20
CA ASP B 131 2.59 11.03 -2.98
C ASP B 131 3.58 12.13 -2.60
N LEU B 132 3.46 13.30 -3.25
CA LEU B 132 4.46 14.38 -3.13
C LEU B 132 3.95 15.55 -2.28
N ALA B 133 2.68 15.51 -1.91
CA ALA B 133 2.04 16.62 -1.19
C ALA B 133 2.18 16.38 0.32
N ALA B 134 3.42 16.29 0.77
CA ALA B 134 3.75 15.91 2.16
C ALA B 134 3.78 17.15 3.03
N PRO B 135 3.33 17.04 4.29
CA PRO B 135 3.61 18.09 5.27
C PRO B 135 5.09 18.26 5.61
N THR B 136 5.49 19.50 5.85
CA THR B 136 6.87 19.88 6.17
C THR B 136 6.87 20.65 7.49
N VAL B 137 8.06 20.88 8.02
CA VAL B 137 8.24 21.71 9.25
C VAL B 137 7.72 23.10 8.94
N ASN B 138 8.06 23.63 7.77
CA ASN B 138 7.77 25.03 7.34
C ASN B 138 6.25 25.18 7.25
N GLN B 139 5.51 24.18 6.81
CA GLN B 139 4.02 24.28 6.73
C GLN B 139 3.40 24.43 8.13
N PHE B 140 3.99 23.81 9.13
CA PHE B 140 3.52 24.02 10.52
C PHE B 140 4.04 25.36 11.08
N LEU B 141 5.25 25.76 10.66
CA LEU B 141 5.88 26.97 11.24
C LEU B 141 4.98 28.14 10.89
N THR B 142 4.59 28.22 9.62
CA THR B 142 3.94 29.41 9.05
C THR B 142 2.60 29.59 9.75
N GLN B 143 1.97 28.48 10.09
CA GLN B 143 0.72 28.47 10.86
C GLN B 143 0.99 28.92 12.29
N TYR B 144 2.03 28.40 12.90
CA TYR B 144 2.33 28.76 14.29
C TYR B 144 2.51 30.28 14.38
N PHE B 145 3.21 30.88 13.42
CA PHE B 145 3.54 32.33 13.35
C PHE B 145 2.29 33.22 13.44
N LEU B 146 1.11 32.73 13.07
CA LEU B 146 -0.12 33.56 13.17
C LEU B 146 -0.49 33.77 14.64
N HIS B 147 0.20 33.16 15.59
CA HIS B 147 -0.17 33.19 17.04
C HIS B 147 0.77 34.08 17.84
N GLN B 148 1.54 34.93 17.15
CA GLN B 148 2.52 35.84 17.78
C GLN B 148 1.80 37.05 18.39
N GLN B 149 2.39 37.50 19.49
CA GLN B 149 1.85 38.57 20.35
C GLN B 149 2.98 39.60 20.52
N PRO B 150 3.25 40.51 19.55
CA PRO B 150 2.77 40.41 18.18
C PRO B 150 3.88 39.89 17.25
N ALA B 151 3.63 39.92 15.93
CA ALA B 151 4.54 39.35 14.90
C ALA B 151 5.91 39.99 15.02
N ASN B 152 6.96 39.19 14.85
CA ASN B 152 8.38 39.57 15.12
C ASN B 152 9.28 38.89 14.10
N CYS B 153 9.82 39.66 13.17
CA CYS B 153 10.46 39.12 11.95
C CYS B 153 11.80 38.46 12.34
N LYS B 154 12.32 38.73 13.53
CA LYS B 154 13.57 38.09 13.99
C LYS B 154 13.21 36.69 14.46
N VAL B 155 12.07 36.56 15.12
CA VAL B 155 11.58 35.25 15.64
C VAL B 155 11.24 34.34 14.46
N GLU B 156 10.61 34.89 13.43
CA GLU B 156 10.16 34.05 12.30
C GLU B 156 11.41 33.47 11.65
N SER B 157 12.36 34.32 11.31
CA SER B 157 13.57 33.88 10.57
C SER B 157 14.39 32.92 11.42
N LEU B 158 14.33 33.04 12.74
CA LEU B 158 15.16 32.22 13.64
C LEU B 158 14.54 30.82 13.73
N ALA B 159 13.22 30.76 13.88
CA ALA B 159 12.50 29.47 13.92
C ALA B 159 12.69 28.75 12.59
N MET B 160 12.64 29.48 11.48
CA MET B 160 12.89 28.89 10.14
C MET B 160 14.29 28.31 10.11
N PHE B 161 15.27 29.14 10.45
CA PHE B 161 16.70 28.77 10.55
C PHE B 161 16.85 27.47 11.35
N LEU B 162 16.28 27.47 12.55
CA LEU B 162 16.34 26.29 13.45
C LEU B 162 15.67 25.12 12.75
N GLY B 163 14.52 25.38 12.13
CA GLY B 163 13.78 24.38 11.36
C GLY B 163 14.69 23.74 10.32
N GLU B 164 15.49 24.55 9.63
CA GLU B 164 16.37 24.01 8.57
C GLU B 164 17.49 23.17 9.16
N LEU B 165 17.98 23.54 10.36
CA LEU B 165 19.13 22.83 11.00
C LEU B 165 18.72 21.38 11.23
N SER B 166 17.47 21.13 11.53
CA SER B 166 16.96 19.75 11.80
C SER B 166 17.09 18.88 10.54
N LEU B 167 17.06 19.49 9.36
CA LEU B 167 17.01 18.73 8.09
C LEU B 167 18.28 17.94 7.96
N ILE B 168 19.38 18.53 8.45
CA ILE B 168 20.76 18.12 8.15
C ILE B 168 21.04 16.79 8.86
N ASP B 169 20.55 16.69 10.09
CA ASP B 169 20.96 15.64 11.06
C ASP B 169 19.80 14.67 11.22
N ALA B 170 19.88 13.52 10.54
CA ALA B 170 18.83 12.48 10.61
C ALA B 170 18.71 12.03 12.07
N ASP B 171 19.85 11.96 12.77
CA ASP B 171 19.83 11.60 14.21
C ASP B 171 20.10 12.89 14.99
N PRO B 172 19.19 13.36 15.86
CA PRO B 172 17.98 12.62 16.25
C PRO B 172 16.64 13.12 15.68
N TYR B 173 16.66 14.04 14.72
CA TYR B 173 15.44 14.69 14.19
C TYR B 173 14.46 13.73 13.50
N LEU B 174 14.95 12.71 12.79
CA LEU B 174 14.05 11.79 12.04
C LEU B 174 13.03 11.15 12.97
N LYS B 175 13.30 11.16 14.27
CA LYS B 175 12.45 10.49 15.28
C LYS B 175 11.36 11.45 15.75
N TYR B 176 11.39 12.70 15.29
CA TYR B 176 10.38 13.73 15.62
C TYR B 176 9.51 14.02 14.38
N LEU B 177 8.22 14.25 14.63
CA LEU B 177 7.26 14.68 13.58
C LEU B 177 7.48 16.15 13.21
N PRO B 178 7.31 16.55 11.94
CA PRO B 178 7.36 17.96 11.55
C PRO B 178 6.64 18.94 12.49
N SER B 179 5.45 18.57 12.92
CA SER B 179 4.62 19.46 13.76
C SER B 179 5.40 19.75 15.05
N VAL B 180 6.16 18.78 15.52
CA VAL B 180 6.81 18.80 16.87
C VAL B 180 8.11 19.60 16.75
N ILE B 181 8.92 19.26 15.76
CA ILE B 181 10.14 20.07 15.42
C ILE B 181 9.75 21.55 15.31
N ALA B 182 8.64 21.85 14.64
CA ALA B 182 8.21 23.24 14.33
C ALA B 182 7.81 23.94 15.60
N GLY B 183 7.36 23.19 16.63
CA GLY B 183 7.02 23.74 17.96
C GLY B 183 8.29 24.08 18.74
N ALA B 184 9.21 23.10 18.80
CA ALA B 184 10.57 23.29 19.34
C ALA B 184 11.14 24.55 18.70
N ALA B 185 11.17 24.60 17.37
CA ALA B 185 11.81 25.71 16.63
C ALA B 185 11.17 27.01 17.08
N PHE B 186 9.84 27.07 17.06
CA PHE B 186 9.08 28.32 17.35
C PHE B 186 9.40 28.79 18.75
N HIS B 187 9.25 27.90 19.74
CA HIS B 187 9.46 28.23 21.17
C HIS B 187 10.90 28.71 21.38
N LEU B 188 11.86 28.00 20.79
CA LEU B 188 13.29 28.31 21.00
C LEU B 188 13.62 29.68 20.40
N ALA B 189 13.05 30.00 19.25
CA ALA B 189 13.28 31.28 18.56
C ALA B 189 12.65 32.40 19.40
N LEU B 190 11.45 32.16 19.86
CA LEU B 190 10.68 33.09 20.72
C LEU B 190 11.45 33.35 22.04
N TYR B 191 11.88 32.31 22.74
CA TYR B 191 12.58 32.41 24.03
C TYR B 191 13.92 33.14 23.84
N THR B 192 14.53 32.97 22.67
CA THR B 192 15.86 33.54 22.31
C THR B 192 15.73 35.03 22.08
N VAL B 193 14.65 35.46 21.41
CA VAL B 193 14.52 36.84 20.90
C VAL B 193 13.74 37.70 21.90
N THR B 194 12.82 37.13 22.68
CA THR B 194 11.86 37.93 23.46
C THR B 194 11.65 37.37 24.86
N GLY B 195 12.22 36.21 25.19
CA GLY B 195 12.08 35.60 26.52
C GLY B 195 10.71 34.98 26.72
N GLN B 196 9.78 35.18 25.77
CA GLN B 196 8.42 34.59 25.85
C GLN B 196 8.48 33.11 25.49
N SER B 197 7.42 32.37 25.82
CA SER B 197 7.36 30.89 25.60
C SER B 197 6.18 30.50 24.70
N TRP B 198 6.20 29.23 24.29
CA TRP B 198 5.10 28.52 23.59
C TRP B 198 3.76 29.02 24.13
N PRO B 199 2.96 29.74 23.32
CA PRO B 199 1.77 30.42 23.82
C PRO B 199 0.60 29.46 24.04
N GLU B 200 -0.37 29.93 24.80
CA GLU B 200 -1.56 29.12 25.18
C GLU B 200 -2.29 28.78 23.89
N SER B 201 -2.42 29.76 22.98
CA SER B 201 -3.24 29.64 21.75
C SER B 201 -2.79 28.41 20.96
N LEU B 202 -1.49 28.09 21.05
CA LEU B 202 -0.89 26.95 20.31
C LEU B 202 -0.94 25.67 21.15
N ILE B 203 -0.96 25.77 22.47
CA ILE B 203 -1.22 24.56 23.30
C ILE B 203 -2.62 24.06 22.99
N ARG B 204 -3.57 24.96 22.76
CA ARG B 204 -4.96 24.56 22.41
C ARG B 204 -4.97 24.01 20.99
N LYS B 205 -4.43 24.79 20.04
CA LYS B 205 -4.42 24.39 18.61
C LYS B 205 -3.81 22.99 18.47
N THR B 206 -2.59 22.81 18.95
CA THR B 206 -1.71 21.66 18.61
C THR B 206 -1.91 20.49 19.58
N GLY B 207 -2.37 20.75 20.80
CA GLY B 207 -2.43 19.73 21.87
C GLY B 207 -1.07 19.52 22.53
N TYR B 208 -0.05 20.28 22.12
CA TYR B 208 1.35 20.10 22.57
C TYR B 208 1.60 21.00 23.78
N THR B 209 1.77 20.40 24.96
CA THR B 209 2.34 21.09 26.15
C THR B 209 3.81 21.44 25.89
N LEU B 210 4.27 22.54 26.49
CA LEU B 210 5.72 22.84 26.49
C LEU B 210 6.46 21.57 26.94
N GLU B 211 5.96 20.91 27.98
CA GLU B 211 6.49 19.63 28.50
C GLU B 211 6.68 18.61 27.37
N SER B 212 5.68 18.40 26.49
CA SER B 212 5.72 17.33 25.46
C SER B 212 6.77 17.65 24.39
N LEU B 213 7.09 18.93 24.23
CA LEU B 213 8.10 19.38 23.23
C LEU B 213 9.52 19.24 23.78
N LYS B 214 9.68 18.96 25.08
CA LYS B 214 10.97 19.08 25.82
C LYS B 214 12.05 18.19 25.19
N PRO B 215 11.82 16.87 24.96
CA PRO B 215 12.83 16.03 24.31
C PRO B 215 13.43 16.65 23.03
N CYS B 216 12.58 17.10 22.12
CA CYS B 216 12.99 17.64 20.81
C CYS B 216 13.69 19.00 21.02
N LEU B 217 13.16 19.76 21.97
CA LEU B 217 13.62 21.15 22.23
C LEU B 217 15.02 21.12 22.84
N MET B 218 15.38 20.03 23.52
CA MET B 218 16.72 19.86 24.13
C MET B 218 17.73 19.41 23.08
N ASP B 219 17.32 18.59 22.13
CA ASP B 219 18.17 18.22 20.96
C ASP B 219 18.35 19.48 20.12
N LEU B 220 17.30 20.26 19.94
CA LEU B 220 17.37 21.41 19.01
C LEU B 220 18.19 22.52 19.68
N HIS B 221 18.11 22.63 21.00
CA HIS B 221 19.00 23.54 21.76
C HIS B 221 20.47 23.21 21.47
N GLN B 222 20.81 21.94 21.57
CA GLN B 222 22.21 21.51 21.40
C GLN B 222 22.68 21.88 20.02
N THR B 223 21.93 21.43 19.02
CA THR B 223 22.16 21.75 17.58
C THR B 223 22.44 23.24 17.47
N TYR B 224 21.60 24.06 18.10
CA TYR B 224 21.67 25.55 18.01
C TYR B 224 23.05 25.97 18.53
N LEU B 225 23.35 25.49 19.74
CA LEU B 225 24.61 25.80 20.47
C LEU B 225 25.81 25.41 19.59
N LYS B 226 25.86 24.15 19.19
CA LYS B 226 27.02 23.54 18.47
C LYS B 226 27.00 23.84 16.96
N ALA B 227 26.20 24.82 16.53
CA ALA B 227 25.95 25.07 15.09
C ALA B 227 27.21 25.62 14.39
N PRO B 228 27.98 26.55 15.00
CA PRO B 228 29.11 27.18 14.32
C PRO B 228 30.26 26.22 14.06
N GLN B 229 30.23 25.08 14.78
CA GLN B 229 31.30 24.04 14.78
C GLN B 229 30.91 22.86 13.89
N HIS B 230 29.63 22.74 13.53
CA HIS B 230 29.09 21.65 12.67
C HIS B 230 29.81 21.66 11.32
N ALA B 231 30.00 20.49 10.73
CA ALA B 231 30.71 20.36 9.44
C ALA B 231 29.93 21.01 8.25
N GLN B 232 28.61 21.00 8.34
CA GLN B 232 27.67 21.61 7.35
C GLN B 232 27.35 23.03 7.82
N GLN B 233 27.62 24.01 6.99
CA GLN B 233 27.55 25.43 7.42
C GLN B 233 26.72 26.25 6.41
N SER B 234 26.15 25.61 5.40
CA SER B 234 25.45 26.36 4.34
C SER B 234 24.22 27.07 4.92
N ILE B 235 23.62 26.55 6.00
CA ILE B 235 22.36 27.11 6.53
C ILE B 235 22.69 28.40 7.29
N ARG B 236 23.80 28.40 8.02
CA ARG B 236 24.28 29.61 8.75
C ARG B 236 24.70 30.69 7.78
N GLU B 237 25.38 30.33 6.68
CA GLU B 237 25.71 31.30 5.61
C GLU B 237 24.41 31.92 5.08
N LYS B 238 23.43 31.09 4.69
CA LYS B 238 22.17 31.57 4.04
C LYS B 238 21.45 32.52 4.97
N TYR B 239 21.48 32.24 6.29
CA TYR B 239 20.68 32.96 7.32
C TYR B 239 21.45 34.15 7.90
N LYS B 240 22.51 34.61 7.21
CA LYS B 240 23.20 35.91 7.47
C LYS B 240 22.61 37.01 6.59
N ASN B 241 22.26 36.69 5.34
CA ASN B 241 21.65 37.70 4.44
C ASN B 241 20.68 38.51 5.33
N SER B 242 20.57 39.82 5.07
CA SER B 242 19.58 40.75 5.70
C SER B 242 18.16 40.26 5.57
N LYS B 243 17.84 39.55 4.49
CA LYS B 243 16.51 38.92 4.24
C LYS B 243 16.01 38.28 5.53
N TYR B 244 16.89 37.54 6.21
CA TYR B 244 16.55 36.74 7.43
C TYR B 244 16.99 37.51 8.70
N HIS B 245 17.20 38.83 8.57
CA HIS B 245 17.50 39.77 9.68
C HIS B 245 18.81 39.35 10.37
N GLY B 246 19.69 38.66 9.60
CA GLY B 246 20.96 38.05 10.03
C GLY B 246 20.90 37.40 11.42
N VAL B 247 19.90 36.58 11.65
CA VAL B 247 19.58 36.04 13.01
C VAL B 247 20.49 34.86 13.35
N SER B 248 21.23 34.30 12.37
CA SER B 248 22.20 33.21 12.64
C SER B 248 23.44 33.80 13.34
N LEU B 249 23.47 35.13 13.51
CA LEU B 249 24.56 35.83 14.22
C LEU B 249 24.18 36.04 15.68
N LEU B 250 22.96 35.68 16.10
CA LEU B 250 22.48 35.90 17.49
C LEU B 250 23.04 34.83 18.42
N ASN B 251 22.97 35.11 19.71
CA ASN B 251 23.52 34.21 20.76
C ASN B 251 22.43 33.24 21.19
N PRO B 252 22.64 31.93 20.98
CA PRO B 252 21.76 30.96 21.64
C PRO B 252 21.73 31.24 23.14
N PRO B 253 20.60 30.99 23.82
CA PRO B 253 20.60 30.99 25.28
C PRO B 253 21.40 29.80 25.78
N GLU B 254 21.94 29.91 27.00
CA GLU B 254 22.73 28.84 27.63
C GLU B 254 21.76 27.81 28.21
N THR B 255 20.65 28.27 28.78
CA THR B 255 19.64 27.37 29.40
C THR B 255 18.24 27.81 29.01
N LEU B 256 17.28 26.92 29.23
CA LEU B 256 15.87 27.16 28.81
C LEU B 256 14.99 27.30 30.05
N ASN B 257 15.56 27.11 31.24
CA ASN B 257 14.79 27.15 32.51
C ASN B 257 13.62 26.18 32.35
N LEU B 258 13.90 24.92 32.05
CA LEU B 258 12.86 23.88 31.87
C LEU B 258 12.89 22.98 33.12
N MET C 2 11.68 -2.83 -16.67
CA MET C 2 12.87 -3.77 -16.63
C MET C 2 14.17 -3.13 -17.17
N GLU C 3 14.15 -1.89 -17.64
CA GLU C 3 15.32 -1.30 -18.32
C GLU C 3 16.25 -0.64 -17.29
N ASN C 4 15.86 -0.61 -16.03
CA ASN C 4 16.72 -0.03 -14.96
C ASN C 4 17.79 -1.02 -14.49
N PHE C 5 17.78 -2.26 -14.99
CA PHE C 5 18.71 -3.32 -14.55
C PHE C 5 19.71 -3.63 -15.66
N GLN C 6 20.98 -3.78 -15.26
CA GLN C 6 22.08 -4.19 -16.15
C GLN C 6 22.48 -5.60 -15.72
N LYS C 7 22.51 -6.55 -16.65
CA LYS C 7 22.92 -7.95 -16.34
C LYS C 7 24.43 -7.98 -16.26
N VAL C 8 24.92 -8.73 -15.30
CA VAL C 8 26.37 -8.79 -14.95
C VAL C 8 26.89 -10.17 -15.37
N GLU C 9 26.11 -11.21 -15.08
CA GLU C 9 26.43 -12.62 -15.40
C GLU C 9 25.18 -13.48 -15.14
N LYS C 10 25.08 -14.60 -15.83
CA LYS C 10 24.10 -15.65 -15.46
C LYS C 10 24.63 -16.39 -14.22
N ILE C 11 23.91 -16.33 -13.10
CA ILE C 11 24.26 -17.10 -11.88
C ILE C 11 24.01 -18.60 -12.14
N GLY C 12 22.86 -18.95 -12.72
CA GLY C 12 22.54 -20.33 -13.12
C GLY C 12 21.04 -20.60 -13.09
N GLU C 13 20.62 -21.51 -12.19
CA GLU C 13 19.19 -21.93 -12.00
C GLU C 13 19.07 -22.96 -10.88
N GLY C 14 17.95 -22.95 -10.15
CA GLY C 14 17.80 -23.79 -8.95
C GLY C 14 16.65 -24.77 -9.10
N THR C 15 15.46 -24.33 -8.70
CA THR C 15 14.22 -25.14 -8.75
C THR C 15 13.56 -24.90 -10.10
N TYR C 16 13.53 -23.66 -10.57
CA TYR C 16 12.73 -23.28 -11.76
C TYR C 16 13.27 -21.96 -12.29
N GLY C 17 13.11 -21.79 -13.61
CA GLY C 17 13.56 -20.57 -14.31
C GLY C 17 15.07 -20.42 -14.21
N VAL C 18 15.54 -19.22 -14.56
CA VAL C 18 16.99 -18.83 -14.58
C VAL C 18 17.18 -17.72 -13.54
N VAL C 19 18.39 -17.57 -13.03
CA VAL C 19 18.76 -16.45 -12.11
C VAL C 19 19.97 -15.66 -12.65
N TYR C 20 19.81 -14.35 -12.87
CA TYR C 20 20.90 -13.46 -13.33
C TYR C 20 21.40 -12.61 -12.16
N LYS C 21 22.69 -12.25 -12.20
CA LYS C 21 23.25 -11.19 -11.31
C LYS C 21 23.08 -9.86 -12.05
N ALA C 22 22.50 -8.89 -11.37
CA ALA C 22 22.06 -7.64 -12.02
C ALA C 22 22.36 -6.47 -11.09
N ARG C 23 22.44 -5.30 -11.72
CA ARG C 23 22.71 -4.03 -11.02
C ARG C 23 21.58 -3.08 -11.42
N ASN C 24 20.92 -2.45 -10.44
CA ASN C 24 20.04 -1.28 -10.69
C ASN C 24 20.92 -0.10 -11.18
N LYS C 25 20.69 0.37 -12.42
CA LYS C 25 21.52 1.40 -13.08
C LYS C 25 21.39 2.78 -12.42
N LEU C 26 20.29 3.04 -11.69
CA LEU C 26 20.01 4.34 -11.06
C LEU C 26 20.39 4.36 -9.59
N THR C 27 20.22 3.25 -8.86
CA THR C 27 20.58 3.22 -7.41
C THR C 27 21.95 2.55 -7.18
N GLY C 28 22.47 1.82 -8.15
CA GLY C 28 23.76 1.10 -8.01
C GLY C 28 23.62 -0.24 -7.30
N GLU C 29 22.46 -0.51 -6.69
CA GLU C 29 22.14 -1.74 -5.94
C GLU C 29 22.30 -2.95 -6.87
N VAL C 30 22.91 -3.98 -6.31
CA VAL C 30 23.13 -5.29 -6.99
C VAL C 30 21.96 -6.20 -6.59
N VAL C 31 21.30 -6.82 -7.54
CA VAL C 31 20.20 -7.76 -7.20
C VAL C 31 20.36 -9.05 -7.97
N ALA C 32 19.60 -10.08 -7.57
CA ALA C 32 19.46 -11.34 -8.34
C ALA C 32 18.06 -11.33 -8.91
N LEU C 33 17.99 -11.58 -10.20
CA LEU C 33 16.73 -11.59 -10.95
C LEU C 33 16.45 -13.03 -11.27
N LYS C 34 15.32 -13.56 -10.78
CA LYS C 34 14.78 -14.88 -11.14
C LYS C 34 13.80 -14.68 -12.32
N LYS C 35 14.26 -14.97 -13.54
CA LYS C 35 13.41 -14.84 -14.73
C LYS C 35 12.54 -16.08 -14.82
N ILE C 36 11.29 -15.90 -15.21
CA ILE C 36 10.36 -17.02 -15.54
C ILE C 36 9.72 -16.71 -16.87
N ARG C 37 9.75 -17.69 -17.76
CA ARG C 37 9.03 -17.58 -19.05
C ARG C 37 7.64 -18.19 -18.86
N LEU C 38 6.61 -17.51 -19.39
CA LEU C 38 5.17 -17.88 -19.22
C LEU C 38 4.63 -18.54 -20.50
N ASP C 39 5.53 -19.07 -21.34
CA ASP C 39 5.19 -19.63 -22.68
C ASP C 39 6.11 -20.81 -23.03
N THR C 42 2.06 -22.55 -21.65
CA THR C 42 1.15 -21.41 -21.34
C THR C 42 -0.01 -21.88 -20.41
N GLU C 43 0.32 -22.08 -19.13
CA GLU C 43 -0.68 -22.28 -18.05
C GLU C 43 -0.78 -21.00 -17.21
N GLY C 44 -0.29 -19.88 -17.75
CA GLY C 44 -0.18 -18.63 -17.01
C GLY C 44 1.03 -18.66 -16.08
N VAL C 45 0.90 -18.04 -14.92
CA VAL C 45 1.97 -17.95 -13.88
C VAL C 45 2.05 -19.30 -13.19
N PRO C 46 3.25 -19.93 -13.14
CA PRO C 46 3.45 -21.16 -12.40
C PRO C 46 3.02 -21.08 -10.94
N SER C 47 2.58 -22.19 -10.36
CA SER C 47 2.27 -22.25 -8.92
C SER C 47 3.56 -22.12 -8.10
N THR C 48 4.70 -22.49 -8.69
CA THR C 48 6.02 -22.34 -8.02
C THR C 48 6.22 -20.87 -7.71
N ALA C 49 5.98 -20.01 -8.71
CA ALA C 49 6.10 -18.54 -8.60
C ALA C 49 5.03 -17.97 -7.67
N ILE C 50 3.79 -18.41 -7.89
CA ILE C 50 2.62 -17.90 -7.13
C ILE C 50 2.88 -18.11 -5.64
N ARG C 51 3.22 -19.34 -5.28
CA ARG C 51 3.53 -19.76 -3.90
C ARG C 51 4.79 -19.05 -3.41
N GLU C 52 5.83 -18.94 -4.25
CA GLU C 52 7.12 -18.37 -3.77
C GLU C 52 6.91 -16.90 -3.43
N ILE C 53 6.23 -16.17 -4.30
CA ILE C 53 6.01 -14.71 -4.10
C ILE C 53 5.09 -14.49 -2.90
N SER C 54 3.90 -15.11 -2.90
CA SER C 54 2.88 -14.93 -1.82
C SER C 54 3.49 -15.31 -0.47
N LEU C 55 4.25 -16.38 -0.40
CA LEU C 55 4.79 -16.87 0.89
C LEU C 55 5.91 -15.96 1.40
N LEU C 56 6.85 -15.59 0.53
CA LEU C 56 8.04 -14.80 0.92
C LEU C 56 7.67 -13.39 1.31
N LYS C 57 6.52 -12.88 0.87
CA LYS C 57 6.02 -11.55 1.35
C LYS C 57 5.61 -11.66 2.83
N GLU C 58 5.17 -12.83 3.23
CA GLU C 58 4.89 -13.06 4.66
C GLU C 58 6.10 -13.58 5.45
N LEU C 59 7.28 -13.63 4.84
CA LEU C 59 8.47 -14.26 5.49
C LEU C 59 9.65 -13.27 5.54
N ASN C 60 9.40 -12.13 6.17
CA ASN C 60 10.41 -11.07 6.33
C ASN C 60 11.20 -11.47 7.58
N HIS C 61 12.41 -12.01 7.34
CA HIS C 61 13.34 -12.47 8.41
C HIS C 61 14.76 -12.20 7.95
N PRO C 62 15.64 -11.85 8.90
CA PRO C 62 17.05 -11.65 8.57
C PRO C 62 17.65 -12.86 7.85
N ASN C 63 17.26 -14.08 8.28
CA ASN C 63 17.80 -15.36 7.75
C ASN C 63 16.86 -16.01 6.73
N ILE C 64 16.12 -15.20 5.98
CA ILE C 64 15.35 -15.61 4.76
C ILE C 64 15.63 -14.54 3.70
N VAL C 65 16.17 -14.91 2.55
CA VAL C 65 16.38 -13.96 1.42
C VAL C 65 15.15 -13.06 1.28
N LYS C 66 15.40 -11.76 1.08
CA LYS C 66 14.35 -10.75 0.79
C LYS C 66 13.94 -10.82 -0.69
N LEU C 67 12.63 -10.84 -0.91
CA LEU C 67 12.00 -10.51 -2.21
C LEU C 67 11.77 -9.01 -2.23
N LEU C 68 12.39 -8.38 -3.23
CA LEU C 68 12.58 -6.92 -3.29
C LEU C 68 11.54 -6.36 -4.26
N ASP C 69 11.32 -7.04 -5.37
CA ASP C 69 10.26 -6.59 -6.29
C ASP C 69 9.76 -7.78 -7.12
N VAL C 70 8.67 -7.54 -7.85
CA VAL C 70 8.13 -8.52 -8.84
C VAL C 70 7.75 -7.72 -10.08
N ILE C 71 8.21 -8.13 -11.25
CA ILE C 71 7.96 -7.38 -12.51
C ILE C 71 7.45 -8.31 -13.61
N HIS C 72 6.36 -7.92 -14.30
CA HIS C 72 5.76 -8.66 -15.45
C HIS C 72 5.88 -7.84 -16.76
N THR C 73 6.79 -8.24 -17.67
CA THR C 73 7.01 -7.57 -18.98
C THR C 73 6.74 -8.55 -20.12
N GLU C 74 5.50 -8.52 -20.64
CA GLU C 74 5.04 -9.25 -21.85
C GLU C 74 4.91 -10.75 -21.54
N ASN C 75 5.95 -11.52 -21.86
CA ASN C 75 5.97 -13.00 -21.80
C ASN C 75 6.90 -13.44 -20.67
N LYS C 76 7.48 -12.47 -19.96
CA LYS C 76 8.47 -12.67 -18.87
C LYS C 76 7.87 -12.22 -17.52
N LEU C 77 8.24 -12.92 -16.44
CA LEU C 77 8.05 -12.49 -15.03
C LEU C 77 9.41 -12.53 -14.30
N TYR C 78 9.81 -11.41 -13.69
CA TYR C 78 11.08 -11.27 -12.94
C TYR C 78 10.74 -11.09 -11.46
N LEU C 79 11.34 -11.91 -10.61
CA LEU C 79 11.32 -11.70 -9.16
C LEU C 79 12.66 -11.12 -8.85
N VAL C 80 12.71 -9.92 -8.30
CA VAL C 80 13.99 -9.24 -7.95
C VAL C 80 14.22 -9.58 -6.50
N PHE C 81 15.42 -10.06 -6.19
CA PHE C 81 15.82 -10.54 -4.84
C PHE C 81 17.13 -9.90 -4.35
N GLU C 82 17.32 -9.87 -3.03
CA GLU C 82 18.66 -9.59 -2.47
C GLU C 82 19.62 -10.62 -3.01
N PHE C 83 20.83 -10.17 -3.28
CA PHE C 83 21.94 -10.97 -3.84
C PHE C 83 22.88 -11.28 -2.67
N LEU C 84 23.39 -12.50 -2.64
CA LEU C 84 24.52 -12.95 -1.81
C LEU C 84 25.54 -13.60 -2.74
N HIS C 85 26.82 -13.68 -2.33
CA HIS C 85 27.89 -14.03 -3.31
C HIS C 85 28.03 -15.55 -3.44
N GLN C 86 27.54 -16.29 -2.45
CA GLN C 86 27.95 -17.69 -2.18
C GLN C 86 26.80 -18.54 -1.59
N ASP C 87 26.75 -19.84 -1.87
CA ASP C 87 25.81 -20.79 -1.21
C ASP C 87 26.60 -21.72 -0.29
N LEU C 88 25.92 -22.52 0.51
CA LEU C 88 26.60 -23.40 1.49
C LEU C 88 27.35 -24.54 0.79
N LYS C 89 26.86 -24.96 -0.38
CA LYS C 89 27.50 -26.04 -1.16
C LYS C 89 28.93 -25.64 -1.50
N LYS C 90 29.14 -24.52 -2.18
CA LYS C 90 30.49 -24.09 -2.65
C LYS C 90 31.38 -23.91 -1.44
N PHE C 91 30.83 -23.40 -0.35
CA PHE C 91 31.61 -23.14 0.88
C PHE C 91 32.12 -24.47 1.42
N MET C 92 31.25 -25.46 1.52
CA MET C 92 31.64 -26.81 2.00
C MET C 92 32.75 -27.35 1.07
N ASP C 93 32.68 -27.08 -0.23
CA ASP C 93 33.63 -27.64 -1.23
C ASP C 93 34.99 -26.97 -0.97
N ALA C 94 35.02 -25.64 -0.91
CA ALA C 94 36.22 -24.83 -0.58
C ALA C 94 36.78 -25.17 0.82
N SER C 95 35.96 -25.62 1.77
CA SER C 95 36.36 -26.05 3.14
C SER C 95 36.57 -27.58 3.23
N ALA C 96 36.56 -28.31 2.10
CA ALA C 96 36.62 -29.80 2.10
C ALA C 96 37.79 -30.25 2.98
N LEU C 97 38.98 -29.71 2.74
CA LEU C 97 40.25 -30.19 3.35
C LEU C 97 40.48 -29.53 4.72
N THR C 98 40.49 -28.20 4.79
CA THR C 98 40.64 -27.47 6.08
C THR C 98 39.54 -27.85 7.08
N GLY C 99 38.30 -27.97 6.62
CA GLY C 99 37.13 -28.22 7.49
C GLY C 99 36.53 -26.90 7.97
N ILE C 100 35.22 -26.85 8.14
CA ILE C 100 34.53 -25.63 8.61
C ILE C 100 34.68 -25.61 10.11
N PRO C 101 34.96 -24.45 10.72
CA PRO C 101 35.18 -24.35 12.17
C PRO C 101 33.90 -24.46 12.98
N LEU C 102 33.99 -25.08 14.16
CA LEU C 102 32.84 -25.55 14.99
C LEU C 102 32.00 -24.38 15.45
N PRO C 103 32.59 -23.20 15.76
CA PRO C 103 31.82 -21.98 16.06
C PRO C 103 30.95 -21.47 14.91
N LEU C 104 31.39 -21.70 13.67
CA LEU C 104 30.65 -21.24 12.45
C LEU C 104 29.56 -22.25 12.06
N ILE C 105 29.89 -23.54 12.03
CA ILE C 105 28.89 -24.62 11.92
C ILE C 105 27.74 -24.27 12.87
N LYS C 106 28.07 -23.91 14.10
CA LYS C 106 27.08 -23.62 15.14
C LYS C 106 26.34 -22.30 14.84
N SER C 107 27.01 -21.25 14.37
CA SER C 107 26.33 -20.01 13.95
C SER C 107 25.34 -20.37 12.83
N TYR C 108 25.86 -20.93 11.75
CA TYR C 108 25.09 -21.27 10.54
C TYR C 108 23.88 -22.11 11.00
N LEU C 109 24.09 -23.18 11.76
CA LEU C 109 22.92 -24.04 12.12
C LEU C 109 21.93 -23.21 12.94
N PHE C 110 22.41 -22.45 13.89
CA PHE C 110 21.58 -21.58 14.75
C PHE C 110 20.72 -20.69 13.86
N GLN C 111 21.34 -20.07 12.87
CA GLN C 111 20.65 -19.05 12.00
C GLN C 111 19.67 -19.76 11.06
N LEU C 112 20.00 -20.96 10.57
CA LEU C 112 19.09 -21.78 9.74
C LEU C 112 17.86 -22.12 10.58
N LEU C 113 18.07 -22.61 11.78
CA LEU C 113 16.93 -22.96 12.66
C LEU C 113 16.09 -21.71 12.94
N GLN C 114 16.66 -20.52 12.97
CA GLN C 114 15.89 -19.29 13.29
C GLN C 114 14.99 -18.93 12.10
N GLY C 115 15.52 -19.01 10.88
CA GLY C 115 14.74 -18.73 9.67
C GLY C 115 13.65 -19.76 9.52
N LEU C 116 13.98 -20.99 9.85
CA LEU C 116 13.03 -22.11 9.72
C LEU C 116 11.95 -22.01 10.82
N ALA C 117 12.30 -21.59 12.04
CA ALA C 117 11.31 -21.48 13.13
C ALA C 117 10.27 -20.46 12.70
N PHE C 118 10.75 -19.42 12.03
CA PHE C 118 9.89 -18.33 11.54
C PHE C 118 8.99 -18.81 10.40
N CYS C 119 9.53 -19.55 9.44
CA CYS C 119 8.72 -20.19 8.38
C CYS C 119 7.58 -20.95 9.04
N HIS C 120 7.92 -21.84 9.97
CA HIS C 120 6.94 -22.82 10.52
C HIS C 120 5.84 -22.08 11.29
N SER C 121 6.21 -21.07 12.07
CA SER C 121 5.27 -20.33 12.92
C SER C 121 4.41 -19.40 12.04
N HIS C 122 4.70 -19.39 10.73
CA HIS C 122 3.88 -18.72 9.70
C HIS C 122 3.28 -19.75 8.74
N ARG C 123 3.00 -20.96 9.21
CA ARG C 123 2.35 -22.08 8.46
C ARG C 123 3.04 -22.32 7.10
N VAL C 124 4.38 -22.33 7.05
CA VAL C 124 5.08 -22.57 5.74
C VAL C 124 6.08 -23.72 5.89
N LEU C 125 6.01 -24.67 4.96
CA LEU C 125 7.03 -25.71 4.78
C LEU C 125 7.91 -25.28 3.62
N HIS C 126 9.23 -25.42 3.79
CA HIS C 126 10.22 -25.08 2.74
C HIS C 126 10.18 -26.20 1.71
N ARG C 127 10.39 -27.44 2.17
CA ARG C 127 10.26 -28.69 1.40
C ARG C 127 11.41 -28.85 0.41
N ASP C 128 12.51 -28.13 0.59
CA ASP C 128 13.69 -28.43 -0.23
C ASP C 128 14.93 -27.78 0.35
N LEU C 129 15.14 -27.98 1.64
CA LEU C 129 16.34 -27.49 2.32
C LEU C 129 17.48 -28.40 1.89
N LYS C 130 18.51 -27.80 1.31
CA LYS C 130 19.79 -28.42 0.93
C LYS C 130 20.81 -27.31 0.79
N PRO C 131 22.11 -27.60 0.81
CA PRO C 131 23.12 -26.54 0.80
C PRO C 131 23.07 -25.60 -0.42
N GLN C 132 22.57 -26.12 -1.53
CA GLN C 132 22.42 -25.40 -2.83
C GLN C 132 21.32 -24.35 -2.71
N ASN C 133 20.45 -24.43 -1.69
CA ASN C 133 19.31 -23.49 -1.46
C ASN C 133 19.55 -22.68 -0.19
N LEU C 134 20.77 -22.70 0.31
CA LEU C 134 21.14 -21.85 1.44
C LEU C 134 22.27 -20.93 1.01
N LEU C 135 22.05 -19.65 1.11
CA LEU C 135 22.97 -18.63 0.61
C LEU C 135 23.67 -17.97 1.79
N ILE C 136 24.93 -17.58 1.59
CA ILE C 136 25.78 -16.95 2.63
C ILE C 136 26.37 -15.68 2.06
N ASN C 137 26.54 -14.70 2.95
CA ASN C 137 27.18 -13.40 2.65
C ASN C 137 28.51 -13.37 3.42
N THR C 138 29.13 -12.18 3.43
CA THR C 138 30.55 -11.95 3.80
C THR C 138 30.67 -11.87 5.32
N GLU C 139 29.69 -11.20 5.97
CA GLU C 139 29.66 -11.04 7.45
C GLU C 139 29.14 -12.29 8.16
N GLY C 140 29.01 -13.42 7.46
CA GLY C 140 28.74 -14.73 8.08
C GLY C 140 27.30 -14.88 8.49
N ALA C 141 26.43 -14.28 7.68
CA ALA C 141 24.97 -14.56 7.64
C ALA C 141 24.71 -15.74 6.70
N ILE C 142 23.77 -16.61 7.08
CA ILE C 142 23.18 -17.64 6.17
C ILE C 142 21.67 -17.43 6.12
N LYS C 143 21.10 -17.66 4.96
CA LYS C 143 19.69 -17.36 4.67
C LYS C 143 19.08 -18.48 3.84
N LEU C 144 17.82 -18.75 4.11
CA LEU C 144 17.00 -19.68 3.30
C LEU C 144 16.68 -19.00 1.98
N ALA C 145 16.92 -19.72 0.90
CA ALA C 145 16.49 -19.33 -0.45
C ALA C 145 15.61 -20.44 -1.03
N ASP C 146 15.05 -20.11 -2.19
CA ASP C 146 14.28 -20.93 -3.13
C ASP C 146 13.03 -21.50 -2.49
N PHE C 147 11.96 -20.70 -2.46
CA PHE C 147 10.64 -21.09 -1.91
C PHE C 147 9.71 -21.53 -3.03
N GLY C 148 10.26 -21.90 -4.19
CA GLY C 148 9.46 -22.54 -5.26
C GLY C 148 8.68 -23.78 -4.82
N LEU C 149 9.29 -24.64 -4.01
CA LEU C 149 8.67 -25.92 -3.58
C LEU C 149 8.03 -25.77 -2.20
N ALA C 150 7.87 -24.56 -1.71
CA ALA C 150 7.32 -24.32 -0.37
C ALA C 150 5.82 -24.47 -0.43
N ARG C 151 5.12 -24.43 0.69
CA ARG C 151 3.67 -24.62 0.81
C ARG C 151 3.16 -24.02 2.11
N ALA C 152 2.04 -23.34 2.07
CA ALA C 152 1.30 -22.98 3.28
C ALA C 152 0.58 -24.23 3.70
N PHE C 153 0.61 -24.56 4.98
CA PHE C 153 0.02 -25.80 5.51
C PHE C 153 -1.00 -25.37 6.54
N GLY C 154 -2.01 -26.21 6.75
CA GLY C 154 -3.05 -25.98 7.76
C GLY C 154 -2.72 -26.74 9.02
N VAL C 155 -3.46 -26.47 10.06
CA VAL C 155 -3.39 -27.24 11.33
C VAL C 155 -4.76 -27.90 11.53
N PRO C 156 -4.87 -29.26 11.43
CA PRO C 156 -3.76 -30.14 11.09
C PRO C 156 -3.60 -30.25 9.57
N VAL C 157 -2.50 -30.88 9.18
CA VAL C 157 -2.10 -30.96 7.75
C VAL C 157 -3.06 -31.89 7.01
N ARG C 158 -3.24 -31.57 5.75
CA ARG C 158 -3.90 -32.40 4.72
C ARG C 158 -2.77 -33.23 4.04
N THR C 159 -3.14 -34.25 3.29
CA THR C 159 -2.17 -34.81 2.32
C THR C 159 -1.68 -33.70 1.38
N TYR C 160 -0.35 -33.56 1.28
CA TYR C 160 0.29 -32.68 0.27
C TYR C 160 1.06 -33.58 -0.68
N TPO C 161 1.77 -32.95 -1.61
CA TPO C 161 2.51 -33.60 -2.70
CB TPO C 161 3.21 -32.47 -3.50
CG2 TPO C 161 3.89 -32.92 -4.76
OG1 TPO C 161 2.22 -31.47 -3.93
P TPO C 161 2.29 -29.87 -3.54
O1P TPO C 161 1.28 -29.14 -4.38
O2P TPO C 161 3.73 -29.47 -3.86
O3P TPO C 161 1.95 -29.81 -2.08
C TPO C 161 3.45 -34.69 -2.15
O TPO C 161 4.12 -34.43 -1.16
N HIS C 162 3.50 -35.89 -2.77
CA HIS C 162 4.49 -36.94 -2.49
C HIS C 162 5.84 -36.64 -3.18
N GLU C 163 6.94 -37.21 -2.69
CA GLU C 163 8.29 -37.16 -3.35
C GLU C 163 8.69 -35.69 -3.55
N VAL C 164 8.38 -34.87 -2.54
CA VAL C 164 9.01 -33.55 -2.31
C VAL C 164 10.36 -33.80 -1.62
N VAL C 165 11.27 -32.82 -1.71
CA VAL C 165 12.63 -32.71 -1.07
C VAL C 165 13.64 -33.50 -1.91
N THR C 166 14.79 -32.89 -2.14
CA THR C 166 15.89 -33.53 -2.88
C THR C 166 16.25 -34.81 -2.14
N LEU C 167 16.41 -35.91 -2.88
CA LEU C 167 16.49 -37.27 -2.30
C LEU C 167 17.38 -37.30 -1.04
N TRP C 168 18.65 -36.91 -1.17
CA TRP C 168 19.67 -36.99 -0.08
C TRP C 168 19.13 -36.37 1.22
N TYR C 169 18.22 -35.41 1.15
CA TYR C 169 17.75 -34.63 2.32
C TYR C 169 16.31 -34.97 2.67
N ARG C 170 15.77 -36.00 2.02
CA ARG C 170 14.34 -36.37 2.15
C ARG C 170 14.15 -37.28 3.35
N ALA C 171 13.09 -36.97 4.12
CA ALA C 171 12.78 -37.59 5.44
C ALA C 171 12.16 -38.96 5.21
N PRO C 172 12.31 -39.91 6.15
CA PRO C 172 11.89 -41.28 5.89
C PRO C 172 10.36 -41.42 5.76
N GLU C 173 9.62 -40.58 6.45
CA GLU C 173 8.14 -40.60 6.32
C GLU C 173 7.72 -40.31 4.88
N ILE C 174 8.55 -39.64 4.08
CA ILE C 174 8.22 -39.31 2.67
C ILE C 174 8.55 -40.52 1.81
N LEU C 175 9.67 -41.16 2.08
CA LEU C 175 10.14 -42.35 1.32
C LEU C 175 9.19 -43.52 1.57
N LEU C 176 8.64 -43.58 2.79
CA LEU C 176 7.77 -44.67 3.23
C LEU C 176 6.33 -44.35 2.85
N GLY C 177 6.10 -43.21 2.20
CA GLY C 177 4.79 -42.84 1.63
C GLY C 177 3.72 -42.57 2.67
N CYS C 178 4.05 -41.97 3.81
CA CYS C 178 3.03 -41.51 4.81
C CYS C 178 2.01 -40.64 4.08
N LYS C 179 0.75 -40.74 4.49
CA LYS C 179 -0.34 -39.90 3.93
C LYS C 179 -0.04 -38.44 4.21
N TYR C 180 0.36 -38.16 5.46
CA TYR C 180 0.64 -36.81 6.00
C TYR C 180 2.14 -36.62 6.32
N TYR C 181 2.62 -35.42 6.07
CA TYR C 181 3.93 -34.93 6.55
C TYR C 181 3.81 -33.42 6.79
N SER C 182 4.68 -32.90 7.65
CA SER C 182 4.63 -31.49 8.09
C SER C 182 6.04 -30.99 8.33
N THR C 183 6.23 -30.21 9.38
CA THR C 183 7.44 -29.40 9.64
C THR C 183 8.63 -30.32 9.88
N ALA C 184 8.37 -31.49 10.47
CA ALA C 184 9.41 -32.50 10.72
C ALA C 184 10.25 -32.74 9.46
N VAL C 185 9.70 -32.59 8.25
CA VAL C 185 10.48 -32.93 7.03
C VAL C 185 11.62 -31.92 6.89
N ASP C 186 11.42 -30.73 7.39
CA ASP C 186 12.38 -29.64 7.17
C ASP C 186 13.47 -29.81 8.21
N ILE C 187 13.09 -30.19 9.42
CA ILE C 187 14.08 -30.50 10.47
C ILE C 187 15.03 -31.60 9.95
N TRP C 188 14.50 -32.72 9.42
CA TRP C 188 15.32 -33.81 8.82
C TRP C 188 16.32 -33.23 7.82
N SER C 189 15.86 -32.46 6.85
CA SER C 189 16.77 -31.81 5.88
C SER C 189 17.88 -31.09 6.64
N LEU C 190 17.59 -30.38 7.74
CA LEU C 190 18.65 -29.60 8.44
C LEU C 190 19.58 -30.54 9.18
N GLY C 191 19.04 -31.61 9.79
CA GLY C 191 19.84 -32.66 10.44
C GLY C 191 20.90 -33.11 9.46
N CYS C 192 20.47 -33.48 8.27
CA CYS C 192 21.38 -33.92 7.20
C CYS C 192 22.41 -32.81 6.95
N ILE C 193 21.96 -31.55 6.90
CA ILE C 193 22.83 -30.40 6.58
C ILE C 193 23.78 -30.20 7.74
N PHE C 194 23.32 -30.34 8.97
CA PHE C 194 24.18 -30.19 10.16
C PHE C 194 25.38 -31.16 10.04
N ALA C 195 25.09 -32.41 9.76
CA ALA C 195 26.14 -33.44 9.77
C ALA C 195 27.06 -33.19 8.60
N GLU C 196 26.52 -32.66 7.50
CA GLU C 196 27.28 -32.50 6.25
C GLU C 196 28.29 -31.34 6.39
N MET C 197 28.09 -30.43 7.34
CA MET C 197 29.07 -29.34 7.61
C MET C 197 30.22 -29.89 8.49
N VAL C 198 29.89 -30.84 9.38
CA VAL C 198 30.85 -31.41 10.37
C VAL C 198 31.85 -32.31 9.64
N THR C 199 31.38 -33.12 8.70
CA THR C 199 32.14 -34.18 7.98
C THR C 199 32.51 -33.77 6.55
N ARG C 200 31.70 -32.91 5.92
CA ARG C 200 32.00 -32.29 4.59
C ARG C 200 31.56 -33.23 3.49
N ARG C 201 30.90 -34.32 3.86
CA ARG C 201 30.25 -35.24 2.88
C ARG C 201 28.77 -35.27 3.28
N ALA C 202 27.91 -35.41 2.27
CA ALA C 202 26.49 -35.79 2.43
C ALA C 202 26.37 -37.05 3.30
N LEU C 203 25.44 -37.01 4.26
CA LEU C 203 25.23 -38.10 5.24
C LEU C 203 24.57 -39.29 4.55
N PHE C 204 23.54 -39.04 3.74
CA PHE C 204 22.73 -40.11 3.10
C PHE C 204 22.69 -39.89 1.59
N PRO C 205 23.83 -40.08 0.85
CA PRO C 205 23.86 -39.90 -0.61
C PRO C 205 23.27 -41.05 -1.45
N GLY C 206 21.98 -41.32 -1.32
CA GLY C 206 21.29 -42.36 -2.11
C GLY C 206 21.21 -42.03 -3.61
N ASP C 207 21.10 -43.08 -4.45
CA ASP C 207 20.83 -43.00 -5.91
C ASP C 207 19.42 -43.56 -6.24
N SER C 208 18.65 -43.97 -5.26
CA SER C 208 17.24 -44.37 -5.45
C SER C 208 16.51 -44.14 -4.15
N GLU C 209 15.19 -44.27 -4.21
CA GLU C 209 14.30 -44.15 -3.02
C GLU C 209 14.65 -45.28 -2.04
N ILE C 210 14.86 -46.48 -2.57
CA ILE C 210 15.17 -47.65 -1.72
C ILE C 210 16.58 -47.51 -1.16
N ASP C 211 17.54 -47.10 -1.99
CA ASP C 211 18.93 -46.89 -1.53
C ASP C 211 18.98 -45.81 -0.44
N GLN C 212 18.12 -44.80 -0.55
CA GLN C 212 18.14 -43.64 0.38
C GLN C 212 17.66 -44.17 1.72
N LEU C 213 16.58 -44.91 1.71
CA LEU C 213 16.06 -45.58 2.91
C LEU C 213 17.16 -46.41 3.56
N PHE C 214 17.83 -47.26 2.79
CA PHE C 214 18.71 -48.30 3.36
C PHE C 214 19.91 -47.59 4.01
N ARG C 215 20.38 -46.52 3.38
CA ARG C 215 21.49 -45.72 3.95
C ARG C 215 21.07 -45.17 5.30
N ILE C 216 19.82 -44.76 5.40
CA ILE C 216 19.28 -44.16 6.65
C ILE C 216 19.26 -45.29 7.69
N PHE C 217 18.68 -46.43 7.31
CA PHE C 217 18.51 -47.63 8.16
C PHE C 217 19.87 -48.13 8.64
N ARG C 218 20.81 -48.25 7.69
CA ARG C 218 22.22 -48.68 7.98
C ARG C 218 22.85 -47.80 9.03
N THR C 219 22.49 -46.52 9.12
CA THR C 219 23.11 -45.52 10.03
C THR C 219 22.36 -45.37 11.36
N LEU C 220 21.03 -45.38 11.31
CA LEU C 220 20.17 -45.12 12.50
C LEU C 220 19.44 -46.39 12.92
N GLY C 221 19.67 -47.50 12.24
CA GLY C 221 18.93 -48.75 12.51
C GLY C 221 17.62 -48.75 11.76
N THR C 222 17.27 -49.90 11.22
CA THR C 222 15.94 -50.19 10.67
C THR C 222 14.88 -49.98 11.75
N PRO C 223 13.89 -49.09 11.57
CA PRO C 223 12.87 -48.87 12.58
C PRO C 223 11.92 -50.07 12.65
N ASP C 224 11.41 -50.27 13.87
CA ASP C 224 10.40 -51.28 14.19
C ASP C 224 9.23 -50.55 14.88
N GLU C 225 8.24 -51.32 15.32
CA GLU C 225 6.98 -50.74 15.82
C GLU C 225 7.24 -50.05 17.15
N VAL C 226 8.41 -50.26 17.76
CA VAL C 226 8.74 -49.64 19.09
C VAL C 226 9.44 -48.30 18.88
N VAL C 227 10.41 -48.26 17.99
CA VAL C 227 11.12 -47.01 17.63
C VAL C 227 10.09 -46.00 17.09
N TRP C 228 9.30 -46.47 16.13
CA TRP C 228 8.37 -45.64 15.32
C TRP C 228 7.05 -46.38 15.17
N PRO C 229 6.12 -46.19 16.14
CA PRO C 229 4.81 -46.84 16.08
C PRO C 229 4.07 -46.47 14.79
N GLY C 230 3.57 -47.49 14.08
CA GLY C 230 2.82 -47.30 12.83
C GLY C 230 3.65 -47.65 11.60
N VAL C 231 4.97 -47.70 11.73
CA VAL C 231 5.85 -47.68 10.54
C VAL C 231 5.61 -48.91 9.68
N THR C 232 5.37 -50.07 10.29
CA THR C 232 5.44 -51.37 9.54
C THR C 232 4.18 -51.56 8.68
N SER C 233 3.22 -50.65 8.80
CA SER C 233 2.01 -50.64 7.95
C SER C 233 1.94 -49.30 7.22
N MET C 234 3.09 -48.75 6.83
CA MET C 234 3.13 -47.54 5.97
C MET C 234 3.16 -48.02 4.53
N PRO C 235 2.58 -47.24 3.59
CA PRO C 235 2.35 -47.73 2.22
C PRO C 235 3.54 -48.41 1.53
N ASP C 236 4.74 -47.87 1.72
CA ASP C 236 5.95 -48.32 0.99
C ASP C 236 6.90 -49.05 1.94
N TYR C 237 6.41 -49.43 3.13
CA TYR C 237 7.16 -50.30 4.08
C TYR C 237 6.97 -51.76 3.68
N LYS C 238 8.09 -52.46 3.56
CA LYS C 238 8.10 -53.91 3.22
C LYS C 238 8.69 -54.65 4.42
N PRO C 239 8.02 -55.67 4.98
CA PRO C 239 8.59 -56.39 6.12
C PRO C 239 9.89 -57.12 5.77
N SER C 240 10.17 -57.27 4.47
CA SER C 240 11.40 -57.92 3.98
C SER C 240 12.63 -57.00 4.14
N PHE C 241 12.47 -55.70 4.42
CA PHE C 241 13.64 -54.80 4.60
C PHE C 241 14.58 -55.40 5.63
N PRO C 242 15.90 -55.37 5.40
CA PRO C 242 16.87 -55.78 6.41
C PRO C 242 16.71 -55.01 7.73
N LYS C 243 16.91 -55.72 8.84
CA LYS C 243 16.98 -55.12 10.20
C LYS C 243 18.46 -54.86 10.51
N TRP C 244 18.91 -53.66 10.21
CA TRP C 244 20.24 -53.19 10.63
C TRP C 244 20.12 -52.69 12.07
N ALA C 245 21.17 -52.91 12.85
CA ALA C 245 21.25 -52.36 14.22
C ALA C 245 21.68 -50.89 14.11
N ARG C 246 21.41 -50.15 15.17
CA ARG C 246 21.69 -48.70 15.20
C ARG C 246 23.18 -48.48 15.50
N GLN C 247 23.87 -47.81 14.58
CA GLN C 247 25.27 -47.35 14.70
C GLN C 247 25.38 -46.26 15.77
N ASP C 248 26.57 -46.10 16.34
CA ASP C 248 26.86 -45.16 17.46
C ASP C 248 27.35 -43.80 16.92
N PHE C 249 26.77 -42.73 17.43
CA PHE C 249 26.95 -41.36 16.89
C PHE C 249 28.42 -40.93 16.97
N SER C 250 29.22 -41.61 17.78
CA SER C 250 30.68 -41.34 17.86
C SER C 250 31.32 -41.75 16.52
N LYS C 251 30.60 -42.54 15.74
CA LYS C 251 31.05 -43.03 14.40
C LYS C 251 30.44 -42.12 13.32
N VAL C 252 29.12 -41.91 13.37
CA VAL C 252 28.32 -41.14 12.36
C VAL C 252 28.90 -39.74 12.15
N VAL C 253 29.08 -39.01 13.26
CA VAL C 253 29.75 -37.68 13.27
C VAL C 253 30.76 -37.68 14.43
N PRO C 254 31.95 -38.26 14.17
CA PRO C 254 33.03 -38.32 15.15
C PRO C 254 33.57 -37.00 15.68
N PRO C 255 33.61 -35.91 14.87
CA PRO C 255 34.17 -34.64 15.34
C PRO C 255 33.24 -33.87 16.28
N LEU C 256 32.15 -34.50 16.73
CA LEU C 256 30.99 -33.75 17.26
C LEU C 256 30.83 -34.04 18.74
N ASP C 257 30.80 -33.00 19.56
CA ASP C 257 30.76 -33.12 21.05
C ASP C 257 29.42 -33.72 21.50
N GLU C 258 29.26 -33.95 22.81
CA GLU C 258 28.09 -34.64 23.39
C GLU C 258 26.79 -33.89 23.06
N ASP C 259 26.85 -32.57 22.94
CA ASP C 259 25.65 -31.73 22.78
C ASP C 259 25.23 -31.74 21.31
N GLY C 260 26.19 -31.54 20.40
CA GLY C 260 25.93 -31.71 18.96
C GLY C 260 25.30 -33.06 18.66
N ARG C 261 25.81 -34.13 19.24
CA ARG C 261 25.25 -35.50 19.04
C ARG C 261 23.81 -35.50 19.55
N SER C 262 23.59 -35.04 20.78
CA SER C 262 22.24 -35.00 21.39
C SER C 262 21.31 -34.30 20.40
N LEU C 263 21.71 -33.11 19.96
CA LEU C 263 20.86 -32.31 19.06
C LEU C 263 20.62 -33.06 17.75
N LEU C 264 21.67 -33.49 17.08
CA LEU C 264 21.56 -34.08 15.73
C LEU C 264 20.65 -35.30 15.83
N SER C 265 20.86 -36.02 16.91
CA SER C 265 20.10 -37.23 17.27
C SER C 265 18.61 -36.89 17.20
N GLN C 266 18.20 -35.83 17.86
CA GLN C 266 16.77 -35.50 17.99
C GLN C 266 16.26 -34.88 16.66
N MET C 267 17.17 -34.30 15.89
CA MET C 267 16.82 -33.76 14.56
C MET C 267 16.58 -34.89 13.56
N LEU C 268 17.14 -36.09 13.82
CA LEU C 268 17.02 -37.26 12.91
C LEU C 268 16.22 -38.34 13.62
N HIS C 269 15.38 -37.95 14.57
CA HIS C 269 14.40 -38.87 15.20
C HIS C 269 13.47 -39.39 14.10
N TYR C 270 13.20 -40.69 14.15
CA TYR C 270 12.48 -41.40 13.06
C TYR C 270 11.04 -40.91 13.02
N ASP C 271 10.34 -41.07 14.15
CA ASP C 271 8.92 -40.69 14.36
C ASP C 271 8.79 -39.18 14.26
N PRO C 272 8.16 -38.64 13.19
CA PRO C 272 8.06 -37.21 12.99
C PRO C 272 7.49 -36.43 14.17
N ASN C 273 6.69 -37.10 15.01
CA ASN C 273 5.93 -36.47 16.12
C ASN C 273 6.80 -36.29 17.34
N LYS C 274 7.85 -37.10 17.50
CA LYS C 274 8.83 -36.93 18.60
C LYS C 274 10.09 -36.22 18.09
N ARG C 275 10.23 -36.05 16.78
CA ARG C 275 11.35 -35.29 16.20
C ARG C 275 11.28 -33.85 16.72
N ILE C 276 12.44 -33.29 16.99
CA ILE C 276 12.54 -31.96 17.66
C ILE C 276 12.08 -30.88 16.68
N SER C 277 11.57 -29.77 17.20
CA SER C 277 11.14 -28.61 16.37
C SER C 277 12.28 -27.61 16.31
N ALA C 278 12.15 -26.64 15.39
CA ALA C 278 13.04 -25.48 15.25
C ALA C 278 13.07 -24.73 16.56
N LYS C 279 11.91 -24.40 17.07
CA LYS C 279 11.81 -23.61 18.32
C LYS C 279 12.56 -24.34 19.47
N ALA C 280 12.42 -25.66 19.58
CA ALA C 280 12.97 -26.43 20.72
C ALA C 280 14.48 -26.55 20.53
N ALA C 281 14.88 -26.79 19.29
CA ALA C 281 16.29 -26.96 18.88
C ALA C 281 17.05 -25.71 19.26
N LEU C 282 16.49 -24.55 18.93
CA LEU C 282 17.13 -23.25 19.21
C LEU C 282 17.45 -23.11 20.70
N ALA C 283 16.67 -23.73 21.56
CA ALA C 283 16.89 -23.70 23.02
C ALA C 283 17.70 -24.93 23.48
N HIS C 284 18.37 -25.63 22.56
CA HIS C 284 19.26 -26.77 22.97
C HIS C 284 20.52 -26.21 23.61
N PRO C 285 21.04 -26.93 24.62
CA PRO C 285 22.36 -26.68 25.18
C PRO C 285 23.49 -26.50 24.16
N PHE C 286 23.43 -27.17 23.02
CA PHE C 286 24.41 -26.94 21.94
C PHE C 286 24.62 -25.44 21.66
N PHE C 287 23.61 -24.59 21.83
CA PHE C 287 23.59 -23.20 21.33
C PHE C 287 23.82 -22.19 22.47
N GLN C 288 24.61 -22.56 23.48
CA GLN C 288 24.62 -21.90 24.81
C GLN C 288 25.72 -20.84 24.92
N ASP C 289 26.79 -20.99 24.13
CA ASP C 289 27.84 -19.96 23.95
C ASP C 289 28.08 -19.80 22.44
N VAL C 290 27.01 -19.63 21.67
CA VAL C 290 27.03 -19.41 20.20
C VAL C 290 27.44 -17.96 19.94
N THR C 291 28.01 -17.69 18.76
CA THR C 291 28.36 -16.30 18.36
C THR C 291 27.95 -16.09 16.89
N LYS C 292 28.55 -15.08 16.24
CA LYS C 292 28.24 -14.66 14.84
C LYS C 292 29.53 -14.52 14.02
N PRO C 293 30.38 -15.58 13.89
CA PRO C 293 31.70 -15.45 13.25
C PRO C 293 31.67 -15.23 11.72
N VAL C 294 32.84 -15.21 11.07
CA VAL C 294 33.01 -14.83 9.64
C VAL C 294 33.81 -15.91 8.89
N PRO C 295 33.40 -16.29 7.64
CA PRO C 295 34.25 -17.12 6.80
C PRO C 295 35.50 -16.37 6.31
N TYR D 4 4.48 -23.99 17.78
CA TYR D 4 4.23 -23.32 16.44
C TYR D 4 2.72 -23.34 16.16
N HIS D 5 1.96 -24.25 16.78
CA HIS D 5 0.49 -24.36 16.61
C HIS D 5 -0.19 -23.06 17.07
N GLU D 6 0.12 -22.66 18.31
CA GLU D 6 -0.39 -21.40 18.88
C GLU D 6 0.17 -20.21 18.09
N ASP D 7 1.39 -20.29 17.59
CA ASP D 7 2.03 -19.15 16.87
C ASP D 7 1.26 -18.89 15.56
N ILE D 8 0.87 -19.97 14.89
CA ILE D 8 0.10 -19.91 13.61
C ILE D 8 -1.24 -19.21 13.88
N HIS D 9 -1.99 -19.68 14.90
CA HIS D 9 -3.31 -19.10 15.28
C HIS D 9 -3.18 -17.59 15.41
N THR D 10 -2.17 -17.12 16.12
CA THR D 10 -1.94 -15.66 16.34
C THR D 10 -1.70 -14.99 14.98
N TYR D 11 -0.86 -15.58 14.12
CA TYR D 11 -0.52 -14.95 12.81
C TYR D 11 -1.79 -14.89 11.95
N LEU D 12 -2.59 -15.94 11.98
CA LEU D 12 -3.84 -15.99 11.17
C LEU D 12 -4.77 -14.88 11.65
N ARG D 13 -4.84 -14.65 12.96
CA ARG D 13 -5.78 -13.66 13.55
C ARG D 13 -5.35 -12.27 13.13
N GLU D 14 -4.05 -12.03 13.01
CA GLU D 14 -3.54 -10.75 12.47
C GLU D 14 -3.89 -10.64 10.99
N MET D 15 -3.64 -11.71 10.23
CA MET D 15 -3.64 -11.68 8.75
C MET D 15 -5.06 -11.57 8.21
N GLU D 16 -6.06 -11.95 9.03
CA GLU D 16 -7.46 -12.09 8.58
C GLU D 16 -8.08 -10.70 8.58
N VAL D 17 -7.48 -9.78 9.31
CA VAL D 17 -7.91 -8.35 9.38
C VAL D 17 -7.32 -7.56 8.22
N LYS D 18 -6.19 -7.99 7.66
CA LYS D 18 -5.50 -7.30 6.53
C LYS D 18 -6.01 -7.84 5.19
N CYS D 19 -6.23 -9.16 5.12
CA CYS D 19 -6.66 -9.88 3.89
C CYS D 19 -8.20 -9.77 3.76
N LYS D 20 -8.78 -8.74 4.39
CA LYS D 20 -10.25 -8.55 4.50
C LYS D 20 -10.76 -7.60 3.43
N PRO D 21 -11.94 -7.86 2.80
CA PRO D 21 -12.56 -6.95 1.85
C PRO D 21 -13.42 -5.86 2.50
N LYS D 22 -13.67 -4.77 1.76
CA LYS D 22 -14.45 -3.62 2.28
C LYS D 22 -15.89 -4.06 2.48
N VAL D 23 -16.50 -3.57 3.55
CA VAL D 23 -17.72 -4.20 4.14
C VAL D 23 -18.88 -4.08 3.16
N GLY D 24 -19.21 -2.87 2.70
CA GLY D 24 -20.38 -2.63 1.85
C GLY D 24 -19.99 -2.32 0.42
N TYR D 25 -19.02 -3.04 -0.11
CA TYR D 25 -18.40 -2.73 -1.41
C TYR D 25 -19.39 -2.93 -2.55
N MET D 26 -20.44 -3.73 -2.36
CA MET D 26 -21.34 -4.14 -3.47
C MET D 26 -22.25 -2.95 -3.85
N LYS D 27 -22.47 -2.03 -2.90
CA LYS D 27 -23.22 -0.77 -3.11
C LYS D 27 -22.43 0.15 -4.04
N LYS D 28 -21.12 0.00 -4.14
CA LYS D 28 -20.30 0.88 -5.03
C LYS D 28 -20.12 0.22 -6.40
N GLN D 29 -20.66 -0.98 -6.61
CA GLN D 29 -20.53 -1.69 -7.90
C GLN D 29 -21.74 -1.28 -8.71
N PRO D 30 -21.55 -0.56 -9.82
CA PRO D 30 -22.67 -0.03 -10.58
C PRO D 30 -23.52 -1.16 -11.18
N ASP D 31 -22.91 -2.21 -11.70
CA ASP D 31 -23.70 -3.15 -12.55
C ASP D 31 -23.86 -4.52 -11.89
N ILE D 32 -23.36 -4.75 -10.66
CA ILE D 32 -23.48 -6.10 -10.03
C ILE D 32 -24.00 -5.94 -8.61
N THR D 33 -24.50 -7.06 -8.07
CA THR D 33 -25.26 -7.14 -6.81
C THR D 33 -24.86 -8.39 -6.03
N ASN D 34 -25.26 -8.46 -4.76
CA ASN D 34 -25.04 -9.60 -3.84
C ASN D 34 -25.64 -10.87 -4.42
N SER D 35 -26.70 -10.69 -5.19
CA SER D 35 -27.40 -11.82 -5.83
C SER D 35 -26.53 -12.37 -6.97
N MET D 36 -25.94 -11.53 -7.82
CA MET D 36 -25.05 -12.05 -8.93
C MET D 36 -23.85 -12.81 -8.33
N ARG D 37 -23.19 -12.19 -7.37
CA ARG D 37 -22.13 -12.79 -6.54
C ARG D 37 -22.61 -14.15 -6.07
N ALA D 38 -23.80 -14.23 -5.50
CA ALA D 38 -24.26 -15.48 -4.86
C ALA D 38 -24.44 -16.57 -5.90
N ILE D 39 -24.84 -16.21 -7.12
CA ILE D 39 -24.93 -17.21 -8.22
C ILE D 39 -23.50 -17.65 -8.57
N LEU D 40 -22.53 -16.74 -8.52
CA LEU D 40 -21.15 -17.03 -8.98
C LEU D 40 -20.52 -17.94 -7.94
N VAL D 41 -20.67 -17.62 -6.67
CA VAL D 41 -20.05 -18.47 -5.61
C VAL D 41 -20.65 -19.88 -5.73
N ASP D 42 -21.98 -19.96 -5.75
CA ASP D 42 -22.71 -21.25 -5.81
C ASP D 42 -22.14 -22.12 -6.93
N TRP D 43 -21.87 -21.50 -8.06
CA TRP D 43 -21.34 -22.17 -9.28
C TRP D 43 -19.92 -22.66 -9.01
N LEU D 44 -19.09 -21.85 -8.37
CA LEU D 44 -17.72 -22.27 -8.06
C LEU D 44 -17.75 -23.48 -7.13
N VAL D 45 -18.74 -23.60 -6.24
CA VAL D 45 -18.99 -24.85 -5.44
C VAL D 45 -19.12 -26.02 -6.42
N GLU D 46 -20.01 -25.88 -7.41
CA GLU D 46 -20.26 -26.93 -8.45
C GLU D 46 -18.97 -27.20 -9.21
N VAL D 47 -18.21 -26.18 -9.50
CA VAL D 47 -16.92 -26.32 -10.24
C VAL D 47 -15.94 -27.09 -9.36
N GLY D 48 -15.98 -26.83 -8.07
CA GLY D 48 -15.13 -27.50 -7.07
C GLY D 48 -15.45 -28.98 -7.00
N GLU D 49 -16.74 -29.31 -6.91
CA GLU D 49 -17.23 -30.71 -6.86
C GLU D 49 -16.89 -31.37 -8.19
N GLU D 50 -17.19 -30.79 -9.32
CA GLU D 50 -16.86 -31.39 -10.65
C GLU D 50 -15.35 -31.66 -10.67
N TYR D 51 -14.49 -30.74 -10.22
CA TYR D 51 -13.00 -30.88 -10.34
C TYR D 51 -12.39 -31.44 -9.04
N LYS D 52 -13.17 -32.02 -8.15
CA LYS D 52 -12.64 -32.74 -6.98
C LYS D 52 -11.59 -31.87 -6.26
N LEU D 53 -11.87 -30.60 -6.06
CA LEU D 53 -10.91 -29.65 -5.47
C LEU D 53 -11.16 -29.55 -3.97
N GLN D 54 -10.17 -29.07 -3.25
CA GLN D 54 -10.26 -28.94 -1.77
C GLN D 54 -11.32 -27.88 -1.43
N ASN D 55 -12.01 -28.07 -0.31
CA ASN D 55 -12.86 -27.00 0.24
C ASN D 55 -12.06 -25.68 0.45
N GLU D 56 -10.80 -25.79 0.90
CA GLU D 56 -9.90 -24.63 1.11
C GLU D 56 -9.84 -23.79 -0.18
N THR D 57 -9.68 -24.45 -1.33
CA THR D 57 -9.56 -23.82 -2.67
C THR D 57 -10.77 -22.93 -2.95
N LEU D 58 -11.97 -23.40 -2.64
CA LEU D 58 -13.19 -22.58 -2.81
C LEU D 58 -13.16 -21.35 -1.87
N HIS D 59 -12.86 -21.54 -0.59
CA HIS D 59 -12.83 -20.43 0.39
C HIS D 59 -11.83 -19.40 -0.07
N LEU D 60 -10.77 -19.84 -0.73
CA LEU D 60 -9.67 -18.94 -1.16
C LEU D 60 -10.19 -18.13 -2.33
N ALA D 61 -10.71 -18.78 -3.35
CA ALA D 61 -11.20 -18.12 -4.58
C ALA D 61 -12.20 -17.02 -4.20
N VAL D 62 -12.93 -17.22 -3.12
CA VAL D 62 -14.04 -16.30 -2.74
C VAL D 62 -13.46 -15.05 -2.07
N ASN D 63 -12.41 -15.22 -1.25
CA ASN D 63 -11.62 -14.13 -0.64
C ASN D 63 -10.98 -13.28 -1.75
N TYR D 64 -10.38 -13.92 -2.72
CA TYR D 64 -9.72 -13.26 -3.86
C TYR D 64 -10.79 -12.48 -4.59
N ILE D 65 -11.96 -13.09 -4.75
CA ILE D 65 -13.06 -12.49 -5.54
C ILE D 65 -13.51 -11.19 -4.84
N ASP D 66 -13.92 -11.27 -3.58
CA ASP D 66 -14.38 -10.10 -2.78
C ASP D 66 -13.31 -8.99 -2.70
N ARG D 67 -12.07 -9.34 -2.40
CA ARG D 67 -10.94 -8.37 -2.37
C ARG D 67 -10.82 -7.63 -3.70
N PHE D 68 -10.97 -8.36 -4.80
CA PHE D 68 -10.80 -7.79 -6.16
C PHE D 68 -11.94 -6.81 -6.41
N LEU D 69 -13.17 -7.22 -6.10
CA LEU D 69 -14.40 -6.40 -6.29
C LEU D 69 -14.45 -5.23 -5.28
N SER D 70 -13.71 -5.31 -4.17
CA SER D 70 -13.58 -4.20 -3.21
C SER D 70 -12.90 -3.01 -3.87
N SER D 71 -12.22 -3.19 -4.99
CA SER D 71 -11.38 -2.12 -5.56
C SER D 71 -11.56 -1.99 -7.06
N MET D 72 -12.20 -2.93 -7.74
CA MET D 72 -12.33 -2.85 -9.22
C MET D 72 -13.81 -2.89 -9.59
N SER D 73 -14.20 -2.06 -10.56
CA SER D 73 -15.57 -2.10 -11.16
C SER D 73 -15.65 -3.19 -12.22
N VAL D 74 -16.68 -4.03 -12.07
CA VAL D 74 -16.91 -5.21 -12.96
C VAL D 74 -18.37 -5.18 -13.42
N LEU D 75 -18.53 -5.32 -14.73
CA LEU D 75 -19.85 -5.53 -15.35
C LEU D 75 -20.22 -7.02 -15.19
N ARG D 76 -21.51 -7.33 -15.18
CA ARG D 76 -22.04 -8.69 -15.05
C ARG D 76 -21.43 -9.60 -16.14
N GLY D 77 -21.24 -9.11 -17.35
CA GLY D 77 -20.68 -9.95 -18.43
C GLY D 77 -19.31 -10.53 -18.08
N LYS D 78 -18.64 -9.90 -17.10
CA LYS D 78 -17.24 -10.19 -16.78
C LYS D 78 -17.13 -10.80 -15.39
N LEU D 79 -18.22 -10.80 -14.60
CA LEU D 79 -18.20 -11.37 -13.21
C LEU D 79 -17.70 -12.83 -13.20
N GLN D 80 -18.02 -13.63 -14.23
CA GLN D 80 -17.71 -15.08 -14.23
C GLN D 80 -16.24 -15.30 -14.56
N LEU D 81 -15.64 -14.38 -15.35
CA LEU D 81 -14.19 -14.36 -15.69
C LEU D 81 -13.35 -14.08 -14.44
N VAL D 82 -13.78 -13.15 -13.61
CA VAL D 82 -13.16 -12.89 -12.30
C VAL D 82 -13.25 -14.13 -11.39
N GLY D 83 -14.42 -14.74 -11.33
CA GLY D 83 -14.60 -15.96 -10.53
C GLY D 83 -13.71 -17.07 -11.04
N THR D 84 -13.67 -17.27 -12.34
CA THR D 84 -12.87 -18.32 -13.03
C THR D 84 -11.40 -18.12 -12.72
N ALA D 85 -10.88 -16.92 -12.99
CA ALA D 85 -9.47 -16.56 -12.79
C ALA D 85 -9.10 -16.72 -11.32
N ALA D 86 -9.99 -16.39 -10.40
CA ALA D 86 -9.75 -16.53 -8.94
C ALA D 86 -9.63 -18.00 -8.57
N MET D 87 -10.47 -18.86 -9.15
CA MET D 87 -10.55 -20.30 -8.82
C MET D 87 -9.30 -20.99 -9.37
N LEU D 88 -8.80 -20.52 -10.51
CA LEU D 88 -7.55 -21.02 -11.11
C LEU D 88 -6.38 -20.64 -10.21
N LEU D 89 -6.36 -19.40 -9.75
CA LEU D 89 -5.31 -18.91 -8.83
C LEU D 89 -5.40 -19.69 -7.54
N ALA D 90 -6.57 -19.87 -6.98
CA ALA D 90 -6.68 -20.55 -5.67
C ALA D 90 -6.15 -21.99 -5.85
N SER D 91 -6.42 -22.61 -6.99
CA SER D 91 -6.05 -24.00 -7.33
C SER D 91 -4.53 -24.07 -7.37
N LYS D 92 -3.90 -23.15 -8.08
CA LYS D 92 -2.41 -23.13 -8.21
C LYS D 92 -1.76 -23.00 -6.85
N PHE D 93 -2.36 -22.20 -5.98
CA PHE D 93 -1.90 -22.10 -4.58
C PHE D 93 -2.12 -23.43 -3.81
N GLU D 94 -3.35 -23.95 -3.76
CA GLU D 94 -3.70 -24.87 -2.68
C GLU D 94 -3.70 -26.32 -3.16
N GLU D 95 -3.72 -26.57 -4.46
CA GLU D 95 -4.01 -27.93 -4.99
C GLU D 95 -2.75 -28.64 -5.41
N ILE D 96 -2.73 -29.93 -5.17
CA ILE D 96 -1.61 -30.77 -5.68
C ILE D 96 -1.61 -30.68 -7.20
N TYR D 97 -2.76 -31.04 -7.82
CA TYR D 97 -2.96 -31.09 -9.29
C TYR D 97 -4.02 -30.04 -9.64
N PRO D 98 -3.61 -28.79 -9.94
CA PRO D 98 -4.58 -27.76 -10.34
C PRO D 98 -5.12 -28.06 -11.74
N PRO D 99 -6.42 -27.84 -12.02
CA PRO D 99 -6.96 -28.03 -13.35
C PRO D 99 -6.22 -27.12 -14.32
N GLU D 100 -6.15 -27.52 -15.57
CA GLU D 100 -5.45 -26.71 -16.57
C GLU D 100 -6.40 -25.62 -17.10
N VAL D 101 -5.82 -24.58 -17.68
CA VAL D 101 -6.58 -23.37 -18.11
C VAL D 101 -7.70 -23.85 -19.04
N ALA D 102 -7.38 -24.73 -19.99
CA ALA D 102 -8.31 -25.13 -21.07
C ALA D 102 -9.56 -25.80 -20.48
N GLU D 103 -9.47 -26.37 -19.29
CA GLU D 103 -10.63 -27.01 -18.61
C GLU D 103 -11.50 -25.97 -17.94
N PHE D 104 -10.90 -24.93 -17.35
CA PHE D 104 -11.66 -23.74 -16.86
C PHE D 104 -12.38 -23.12 -18.05
N VAL D 105 -11.73 -23.02 -19.21
CA VAL D 105 -12.43 -22.53 -20.43
C VAL D 105 -13.64 -23.43 -20.74
N TYR D 106 -13.52 -24.74 -20.59
CA TYR D 106 -14.63 -25.69 -20.91
C TYR D 106 -15.82 -25.40 -20.01
N ILE D 107 -15.62 -25.16 -18.71
CA ILE D 107 -16.76 -25.05 -17.75
C ILE D 107 -17.42 -23.68 -17.83
N THR D 108 -16.83 -22.72 -18.55
CA THR D 108 -17.49 -21.41 -18.88
C THR D 108 -18.36 -21.60 -20.13
N ASP D 109 -18.07 -22.64 -20.93
CA ASP D 109 -18.75 -22.99 -22.18
C ASP D 109 -18.35 -21.96 -23.24
N ASP D 110 -17.06 -21.65 -23.25
CA ASP D 110 -16.44 -20.79 -24.29
C ASP D 110 -17.03 -19.35 -24.23
N THR D 111 -17.59 -18.95 -23.08
CA THR D 111 -17.98 -17.54 -22.83
C THR D 111 -16.75 -16.64 -22.97
N TYR D 112 -15.57 -17.15 -22.57
CA TYR D 112 -14.28 -16.42 -22.49
C TYR D 112 -13.20 -17.28 -23.16
N THR D 113 -12.14 -16.67 -23.64
CA THR D 113 -11.06 -17.40 -24.31
C THR D 113 -9.95 -17.72 -23.31
N LYS D 114 -9.01 -18.55 -23.71
CA LYS D 114 -7.84 -18.89 -22.88
C LYS D 114 -7.15 -17.59 -22.53
N LYS D 115 -6.96 -16.75 -23.55
CA LYS D 115 -6.27 -15.43 -23.48
C LYS D 115 -6.94 -14.60 -22.37
N GLN D 116 -8.27 -14.50 -22.39
CA GLN D 116 -8.99 -13.69 -21.41
C GLN D 116 -8.78 -14.25 -20.00
N VAL D 117 -8.85 -15.57 -19.83
CA VAL D 117 -8.70 -16.16 -18.47
C VAL D 117 -7.31 -15.86 -17.92
N LEU D 118 -6.27 -16.03 -18.75
CA LEU D 118 -4.86 -15.80 -18.37
C LEU D 118 -4.60 -14.30 -18.11
N ARG D 119 -5.20 -13.42 -18.91
CA ARG D 119 -5.02 -11.96 -18.75
C ARG D 119 -5.70 -11.53 -17.44
N MET D 120 -6.85 -12.06 -17.12
CA MET D 120 -7.60 -11.74 -15.89
C MET D 120 -6.82 -12.29 -14.69
N GLU D 121 -6.03 -13.33 -14.90
CA GLU D 121 -5.19 -13.93 -13.83
C GLU D 121 -4.12 -12.93 -13.43
N HIS D 122 -3.50 -12.26 -14.41
CA HIS D 122 -2.46 -11.23 -14.15
C HIS D 122 -3.12 -10.08 -13.40
N LEU D 123 -4.29 -9.64 -13.85
CA LEU D 123 -4.94 -8.46 -13.26
C LEU D 123 -5.30 -8.77 -11.82
N VAL D 124 -5.83 -9.96 -11.56
CA VAL D 124 -6.24 -10.36 -10.18
C VAL D 124 -4.99 -10.37 -9.29
N LEU D 125 -3.84 -10.78 -9.85
CA LEU D 125 -2.57 -10.88 -9.09
C LEU D 125 -2.05 -9.48 -8.80
N LYS D 126 -1.97 -8.68 -9.85
CA LYS D 126 -1.67 -7.24 -9.82
C LYS D 126 -2.56 -6.59 -8.74
N VAL D 127 -3.87 -6.71 -8.85
CA VAL D 127 -4.80 -6.06 -7.88
C VAL D 127 -4.55 -6.60 -6.46
N LEU D 128 -4.38 -7.91 -6.28
CA LEU D 128 -4.21 -8.48 -4.91
C LEU D 128 -2.73 -8.38 -4.48
N THR D 129 -1.86 -7.83 -5.33
CA THR D 129 -0.41 -7.68 -5.07
C THR D 129 0.13 -9.04 -4.60
N PHE D 130 -0.25 -10.09 -5.32
CA PHE D 130 0.22 -11.47 -5.03
C PHE D 130 -0.07 -11.89 -3.59
N ASP D 131 -0.93 -11.19 -2.84
CA ASP D 131 -1.18 -11.57 -1.43
C ASP D 131 -2.30 -12.63 -1.47
N LEU D 132 -1.92 -13.83 -1.88
CA LEU D 132 -2.87 -14.95 -2.13
C LEU D 132 -2.93 -15.90 -0.94
N ALA D 133 -2.10 -15.74 0.09
CA ALA D 133 -2.04 -16.70 1.21
C ALA D 133 -2.94 -16.20 2.34
N ALA D 134 -4.24 -16.03 2.05
CA ALA D 134 -5.22 -15.40 2.97
C ALA D 134 -5.80 -16.48 3.84
N PRO D 135 -6.07 -16.19 5.13
CA PRO D 135 -6.83 -17.09 6.00
C PRO D 135 -8.29 -17.27 5.57
N THR D 136 -8.81 -18.48 5.80
CA THR D 136 -10.18 -18.89 5.42
C THR D 136 -10.91 -19.35 6.68
N VAL D 137 -12.24 -19.44 6.60
CA VAL D 137 -13.11 -20.08 7.66
C VAL D 137 -12.55 -21.47 7.91
N ASN D 138 -12.23 -22.13 6.82
CA ASN D 138 -11.80 -23.55 6.81
C ASN D 138 -10.56 -23.71 7.69
N GLN D 139 -9.60 -22.78 7.61
CA GLN D 139 -8.28 -22.90 8.30
C GLN D 139 -8.53 -22.80 9.80
N PHE D 140 -9.51 -21.99 10.18
CA PHE D 140 -9.93 -21.85 11.60
C PHE D 140 -10.72 -23.08 12.07
N LEU D 141 -11.57 -23.60 11.19
CA LEU D 141 -12.38 -24.78 11.55
C LEU D 141 -11.46 -25.95 11.89
N THR D 142 -10.46 -26.23 11.04
CA THR D 142 -9.67 -27.50 11.14
C THR D 142 -8.91 -27.48 12.47
N GLN D 143 -8.60 -26.28 12.95
CA GLN D 143 -7.93 -26.06 14.26
C GLN D 143 -8.93 -26.28 15.40
N TYR D 144 -10.08 -25.64 15.33
CA TYR D 144 -11.13 -25.75 16.36
C TYR D 144 -11.56 -27.21 16.55
N PHE D 145 -11.68 -27.98 15.46
CA PHE D 145 -12.01 -29.42 15.50
C PHE D 145 -11.06 -30.23 16.42
N LEU D 146 -9.87 -29.71 16.73
CA LEU D 146 -8.93 -30.45 17.62
C LEU D 146 -9.37 -30.36 19.08
N HIS D 147 -10.45 -29.61 19.39
CA HIS D 147 -10.94 -29.40 20.79
C HIS D 147 -12.28 -30.12 21.02
N GLN D 148 -12.66 -31.04 20.13
CA GLN D 148 -13.71 -32.04 20.43
C GLN D 148 -13.06 -33.13 21.26
N GLN D 149 -13.77 -33.65 22.26
CA GLN D 149 -13.36 -34.94 22.87
C GLN D 149 -14.58 -35.85 22.87
N PRO D 150 -14.55 -36.99 22.12
CA PRO D 150 -13.68 -37.16 20.95
C PRO D 150 -14.23 -36.46 19.70
N ALA D 151 -13.47 -36.57 18.60
CA ALA D 151 -13.82 -35.99 17.28
C ALA D 151 -15.12 -36.59 16.77
N ASN D 152 -16.12 -35.76 16.45
CA ASN D 152 -17.44 -36.20 15.94
C ASN D 152 -17.59 -35.82 14.47
N CYS D 153 -17.55 -36.82 13.60
CA CYS D 153 -17.36 -36.63 12.15
C CYS D 153 -18.60 -35.93 11.57
N LYS D 154 -19.72 -35.93 12.28
CA LYS D 154 -20.97 -35.29 11.78
C LYS D 154 -20.89 -33.81 12.13
N VAL D 155 -20.35 -33.54 13.31
CA VAL D 155 -20.08 -32.15 13.75
C VAL D 155 -19.10 -31.51 12.78
N GLU D 156 -18.04 -32.24 12.40
CA GLU D 156 -17.00 -31.71 11.49
C GLU D 156 -17.65 -31.38 10.15
N SER D 157 -18.22 -32.39 9.51
CA SER D 157 -18.91 -32.23 8.20
C SER D 157 -20.02 -31.16 8.29
N LEU D 158 -20.72 -31.00 9.42
CA LEU D 158 -21.83 -30.03 9.52
C LEU D 158 -21.29 -28.60 9.70
N ALA D 159 -20.17 -28.44 10.40
CA ALA D 159 -19.48 -27.14 10.56
C ALA D 159 -18.97 -26.68 9.19
N MET D 160 -18.36 -27.59 8.43
CA MET D 160 -17.84 -27.34 7.06
C MET D 160 -18.98 -26.80 6.17
N PHE D 161 -20.13 -27.47 6.22
CA PHE D 161 -21.40 -27.14 5.51
C PHE D 161 -21.79 -25.70 5.83
N LEU D 162 -21.91 -25.37 7.10
CA LEU D 162 -22.38 -24.04 7.53
C LEU D 162 -21.36 -22.96 7.18
N GLY D 163 -20.08 -23.33 7.20
CA GLY D 163 -18.99 -22.46 6.73
C GLY D 163 -19.18 -22.10 5.28
N GLU D 164 -19.49 -23.12 4.45
CA GLU D 164 -19.71 -22.91 2.99
C GLU D 164 -20.97 -22.07 2.75
N LEU D 165 -21.99 -22.24 3.58
CA LEU D 165 -23.25 -21.47 3.40
C LEU D 165 -22.93 -19.97 3.50
N SER D 166 -22.00 -19.57 4.36
CA SER D 166 -21.75 -18.13 4.66
C SER D 166 -21.12 -17.45 3.44
N LEU D 167 -20.53 -18.24 2.54
CA LEU D 167 -19.76 -17.74 1.38
C LEU D 167 -20.75 -17.15 0.40
N ILE D 168 -21.96 -17.72 0.37
CA ILE D 168 -22.93 -17.41 -0.71
C ILE D 168 -23.42 -15.99 -0.49
N ASP D 169 -23.64 -15.64 0.77
CA ASP D 169 -24.47 -14.47 1.16
C ASP D 169 -23.57 -13.36 1.72
N ALA D 170 -23.13 -12.50 0.83
CA ALA D 170 -22.32 -11.31 1.20
C ALA D 170 -22.95 -10.55 2.37
N ASP D 171 -24.26 -10.31 2.31
CA ASP D 171 -25.04 -9.81 3.46
C ASP D 171 -25.67 -11.00 4.18
N PRO D 172 -25.40 -11.30 5.47
CA PRO D 172 -24.54 -10.50 6.35
C PRO D 172 -23.05 -10.85 6.57
N TYR D 173 -22.51 -11.82 5.85
CA TYR D 173 -21.31 -12.55 6.34
C TYR D 173 -20.00 -11.79 6.03
N LEU D 174 -20.02 -10.77 5.16
CA LEU D 174 -18.80 -9.94 4.96
C LEU D 174 -18.56 -9.09 6.19
N LYS D 175 -19.54 -9.01 7.08
CA LYS D 175 -19.40 -8.22 8.34
C LYS D 175 -18.51 -9.00 9.30
N TYR D 176 -18.38 -10.30 9.11
CA TYR D 176 -17.75 -11.19 10.11
C TYR D 176 -16.39 -11.66 9.60
N LEU D 177 -15.44 -11.77 10.53
CA LEU D 177 -14.10 -12.33 10.25
C LEU D 177 -14.22 -13.84 10.21
N PRO D 178 -13.39 -14.54 9.40
CA PRO D 178 -13.42 -16.01 9.32
C PRO D 178 -13.42 -16.71 10.68
N SER D 179 -12.58 -16.26 11.61
CA SER D 179 -12.42 -16.90 12.94
C SER D 179 -13.77 -16.91 13.66
N VAL D 180 -14.53 -15.82 13.50
CA VAL D 180 -15.88 -15.62 14.14
C VAL D 180 -16.90 -16.52 13.44
N ILE D 181 -17.04 -16.39 12.13
CA ILE D 181 -17.87 -17.32 11.32
C ILE D 181 -17.54 -18.77 11.67
N ALA D 182 -16.26 -19.11 11.76
CA ALA D 182 -15.83 -20.50 12.05
C ALA D 182 -16.34 -20.91 13.43
N GLY D 183 -16.26 -20.02 14.42
CA GLY D 183 -16.77 -20.30 15.78
C GLY D 183 -18.27 -20.58 15.77
N ALA D 184 -19.03 -19.65 15.19
CA ALA D 184 -20.48 -19.81 14.98
C ALA D 184 -20.71 -21.18 14.36
N ALA D 185 -20.00 -21.50 13.28
CA ALA D 185 -20.27 -22.73 12.51
C ALA D 185 -19.96 -23.92 13.40
N PHE D 186 -18.95 -23.79 14.25
CA PHE D 186 -18.52 -24.93 15.10
C PHE D 186 -19.57 -25.16 16.19
N HIS D 187 -19.92 -24.13 16.96
CA HIS D 187 -20.89 -24.23 18.08
C HIS D 187 -22.22 -24.75 17.53
N LEU D 188 -22.65 -24.23 16.38
CA LEU D 188 -23.96 -24.53 15.78
C LEU D 188 -23.99 -25.96 15.26
N ALA D 189 -22.87 -26.48 14.76
CA ALA D 189 -22.79 -27.89 14.33
C ALA D 189 -22.79 -28.80 15.57
N LEU D 190 -22.14 -28.34 16.64
CA LEU D 190 -21.99 -29.09 17.91
C LEU D 190 -23.35 -29.22 18.59
N TYR D 191 -24.03 -28.10 18.84
CA TYR D 191 -25.36 -28.04 19.51
C TYR D 191 -26.35 -28.90 18.74
N THR D 192 -26.27 -28.88 17.41
CA THR D 192 -27.19 -29.61 16.51
C THR D 192 -26.95 -31.13 16.61
N VAL D 193 -25.70 -31.57 16.70
CA VAL D 193 -25.44 -33.02 16.61
C VAL D 193 -25.45 -33.60 18.01
N THR D 194 -24.93 -32.90 19.01
CA THR D 194 -24.65 -33.51 20.34
C THR D 194 -25.26 -32.69 21.48
N GLY D 195 -25.74 -31.48 21.20
CA GLY D 195 -26.34 -30.60 22.22
C GLY D 195 -25.30 -29.83 23.01
N GLN D 196 -24.02 -30.13 22.82
CA GLN D 196 -22.94 -29.46 23.59
C GLN D 196 -22.81 -28.01 23.14
N SER D 197 -21.89 -27.26 23.72
CA SER D 197 -21.60 -25.87 23.28
C SER D 197 -20.10 -25.60 23.09
N TRP D 198 -19.84 -24.46 22.46
CA TRP D 198 -18.52 -23.78 22.40
C TRP D 198 -17.71 -24.12 23.64
N PRO D 199 -16.68 -25.00 23.55
CA PRO D 199 -15.93 -25.44 24.72
C PRO D 199 -15.05 -24.35 25.35
N GLU D 200 -14.65 -24.57 26.60
CA GLU D 200 -13.85 -23.58 27.39
C GLU D 200 -12.47 -23.47 26.71
N SER D 201 -11.94 -24.59 26.22
CA SER D 201 -10.59 -24.67 25.59
C SER D 201 -10.51 -23.68 24.42
N LEU D 202 -11.63 -23.43 23.75
CA LEU D 202 -11.68 -22.54 22.56
C LEU D 202 -11.99 -21.11 22.99
N ILE D 203 -12.61 -20.92 24.15
CA ILE D 203 -12.82 -19.55 24.69
C ILE D 203 -11.45 -19.04 25.14
N ARG D 204 -10.62 -19.93 25.69
CA ARG D 204 -9.22 -19.61 26.08
C ARG D 204 -8.40 -19.27 24.83
N LYS D 205 -8.47 -20.16 23.84
CA LYS D 205 -7.65 -20.12 22.60
C LYS D 205 -7.96 -18.86 21.78
N THR D 206 -9.23 -18.64 21.47
CA THR D 206 -9.72 -17.64 20.49
C THR D 206 -10.01 -16.32 21.21
N GLY D 207 -10.31 -16.39 22.51
CA GLY D 207 -10.73 -15.21 23.30
C GLY D 207 -12.21 -14.92 23.10
N TYR D 208 -12.95 -15.84 22.51
CA TYR D 208 -14.34 -15.59 22.03
C TYR D 208 -15.33 -16.24 22.97
N THR D 209 -16.04 -15.44 23.76
CA THR D 209 -17.17 -15.97 24.57
C THR D 209 -18.29 -16.30 23.58
N LEU D 210 -19.06 -17.34 23.90
CA LEU D 210 -20.35 -17.62 23.20
C LEU D 210 -21.14 -16.31 23.05
N GLU D 211 -21.06 -15.40 24.03
CA GLU D 211 -21.69 -14.06 23.97
C GLU D 211 -21.21 -13.33 22.71
N SER D 212 -19.89 -13.36 22.43
CA SER D 212 -19.28 -12.55 21.35
C SER D 212 -19.68 -13.11 19.98
N LEU D 213 -19.87 -14.44 19.89
CA LEU D 213 -20.21 -15.14 18.62
C LEU D 213 -21.68 -14.99 18.25
N LYS D 214 -22.51 -14.41 19.13
CA LYS D 214 -23.99 -14.48 19.04
C LYS D 214 -24.53 -13.74 17.81
N PRO D 215 -24.19 -12.46 17.52
CA PRO D 215 -24.69 -11.81 16.30
C PRO D 215 -24.59 -12.75 15.09
N CYS D 216 -23.41 -13.36 14.94
CA CYS D 216 -23.06 -14.26 13.82
C CYS D 216 -23.82 -15.58 13.98
N LEU D 217 -24.01 -16.04 15.22
CA LEU D 217 -24.66 -17.35 15.44
C LEU D 217 -26.16 -17.26 15.11
N MET D 218 -26.75 -16.07 15.25
CA MET D 218 -28.19 -15.84 14.95
C MET D 218 -28.37 -15.75 13.44
N ASP D 219 -27.53 -14.95 12.77
CA ASP D 219 -27.50 -14.83 11.30
C ASP D 219 -27.33 -16.23 10.71
N LEU D 220 -26.38 -17.00 11.23
CA LEU D 220 -26.01 -18.31 10.64
C LEU D 220 -27.11 -19.33 10.97
N HIS D 221 -27.72 -19.20 12.14
CA HIS D 221 -28.92 -20.00 12.51
C HIS D 221 -30.00 -19.85 11.43
N GLN D 222 -30.34 -18.60 11.13
CA GLN D 222 -31.39 -18.33 10.12
C GLN D 222 -30.98 -18.97 8.81
N THR D 223 -29.74 -18.74 8.38
CA THR D 223 -29.27 -19.24 7.08
C THR D 223 -29.46 -20.74 7.02
N TYR D 224 -29.18 -21.40 8.16
CA TYR D 224 -29.30 -22.88 8.36
C TYR D 224 -30.78 -23.25 8.13
N LEU D 225 -31.65 -22.63 8.93
CA LEU D 225 -33.13 -22.78 8.92
C LEU D 225 -33.66 -22.68 7.50
N LYS D 226 -33.35 -21.58 6.84
CA LYS D 226 -33.97 -21.21 5.56
C LYS D 226 -33.15 -21.74 4.38
N ALA D 227 -32.19 -22.61 4.61
CA ALA D 227 -31.25 -23.06 3.55
C ALA D 227 -32.00 -23.79 2.45
N PRO D 228 -33.06 -24.60 2.75
CA PRO D 228 -33.75 -25.36 1.71
C PRO D 228 -34.60 -24.49 0.77
N GLN D 229 -34.93 -23.28 1.21
CA GLN D 229 -35.71 -22.32 0.39
C GLN D 229 -34.76 -21.48 -0.46
N HIS D 230 -33.51 -21.30 -0.01
CA HIS D 230 -32.50 -20.38 -0.60
C HIS D 230 -32.32 -20.72 -2.07
N ALA D 231 -32.09 -19.71 -2.92
CA ALA D 231 -32.08 -19.92 -4.39
C ALA D 231 -30.94 -20.86 -4.77
N GLN D 232 -29.78 -20.62 -4.18
CA GLN D 232 -28.53 -21.40 -4.39
C GLN D 232 -28.57 -22.73 -3.60
N GLN D 233 -28.37 -23.86 -4.26
CA GLN D 233 -28.60 -25.13 -3.56
C GLN D 233 -27.45 -26.09 -3.80
N SER D 234 -26.45 -25.71 -4.57
CA SER D 234 -25.29 -26.58 -4.91
C SER D 234 -24.61 -27.12 -3.63
N ILE D 235 -24.57 -26.34 -2.56
CA ILE D 235 -23.89 -26.76 -1.31
C ILE D 235 -24.68 -27.88 -0.64
N ARG D 236 -26.00 -27.69 -0.50
CA ARG D 236 -26.91 -28.72 0.07
C ARG D 236 -26.83 -30.03 -0.76
N GLU D 237 -26.83 -29.98 -2.09
CA GLU D 237 -26.45 -31.15 -2.93
C GLU D 237 -25.11 -31.74 -2.46
N LYS D 238 -24.05 -30.93 -2.40
CA LYS D 238 -22.69 -31.46 -2.16
C LYS D 238 -22.74 -32.24 -0.83
N TYR D 239 -23.46 -31.73 0.18
CA TYR D 239 -23.44 -32.21 1.60
C TYR D 239 -24.56 -33.22 1.91
N LYS D 240 -25.24 -33.73 0.87
CA LYS D 240 -26.12 -34.92 0.91
C LYS D 240 -25.24 -36.15 0.84
N ASN D 241 -24.19 -36.06 0.00
CA ASN D 241 -23.24 -37.17 -0.23
C ASN D 241 -22.85 -37.77 1.13
N SER D 242 -22.48 -39.05 1.11
CA SER D 242 -22.14 -39.86 2.30
C SER D 242 -20.72 -39.54 2.73
N LYS D 243 -19.90 -38.97 1.83
CA LYS D 243 -18.59 -38.40 2.25
C LYS D 243 -18.78 -37.52 3.47
N TYR D 244 -19.85 -36.72 3.50
CA TYR D 244 -20.08 -35.70 4.56
C TYR D 244 -21.13 -36.20 5.56
N HIS D 245 -21.44 -37.50 5.57
CA HIS D 245 -22.36 -38.16 6.56
C HIS D 245 -23.80 -37.64 6.40
N GLY D 246 -24.18 -37.22 5.19
CA GLY D 246 -25.55 -36.76 4.84
C GLY D 246 -26.11 -35.70 5.78
N VAL D 247 -25.29 -34.75 6.21
CA VAL D 247 -25.64 -33.83 7.34
C VAL D 247 -26.54 -32.70 6.83
N SER D 248 -26.59 -32.47 5.51
CA SER D 248 -27.45 -31.37 4.96
C SER D 248 -28.91 -31.83 5.01
N LEU D 249 -29.13 -33.10 5.39
CA LEU D 249 -30.48 -33.72 5.56
C LEU D 249 -30.97 -33.51 6.99
N LEU D 250 -30.08 -33.50 7.99
CA LEU D 250 -30.37 -33.29 9.45
C LEU D 250 -31.20 -32.02 9.68
N ASN D 251 -32.00 -32.02 10.74
CA ASN D 251 -32.89 -30.89 11.12
C ASN D 251 -32.15 -29.89 11.97
N PRO D 252 -32.10 -28.60 11.56
CA PRO D 252 -31.71 -27.53 12.48
C PRO D 252 -32.53 -27.53 13.76
N PRO D 253 -32.02 -26.99 14.88
CA PRO D 253 -32.83 -26.69 16.06
C PRO D 253 -33.67 -25.42 15.90
N GLU D 254 -34.52 -25.12 16.88
CA GLU D 254 -35.61 -24.10 16.77
C GLU D 254 -35.07 -22.78 17.28
N THR D 255 -34.66 -22.71 18.54
CA THR D 255 -33.78 -21.63 19.05
C THR D 255 -32.59 -22.31 19.74
N LEU D 256 -31.59 -21.51 20.05
CA LEU D 256 -30.29 -22.01 20.51
C LEU D 256 -30.24 -21.93 22.03
N ASN D 257 -31.30 -21.44 22.66
CA ASN D 257 -31.42 -21.33 24.13
C ASN D 257 -30.24 -20.51 24.64
N LEU D 258 -30.00 -19.37 23.99
CA LEU D 258 -28.90 -18.44 24.33
C LEU D 258 -29.49 -17.40 25.30
C10 P2V E . -17.23 14.09 -21.43
C13 P2V E . -17.75 11.38 -24.18
C15 P2V E . -17.99 13.49 -25.25
C17 P2V E . -17.71 15.57 -23.97
C20 P2V E . -17.68 18.38 -24.03
C21 P2V E . -18.67 17.71 -23.32
C22 P2V E . -18.73 16.31 -23.27
C24 P2V E . -13.30 14.82 -20.34
C26 P2V E . -13.18 17.68 -21.48
C28 P2V E . -12.58 19.88 -22.25
C01 P2V E . -11.81 13.88 -15.44
C02 P2V E . -11.60 12.80 -16.59
C03 P2V E . -10.36 13.11 -17.46
C04 P2V E . -12.96 12.68 -17.39
N05 P2V E . -13.99 11.92 -17.06
N06 P2V E . -14.97 12.09 -17.99
C07 P2V E . -14.57 13.00 -18.88
C08 P2V E . -15.23 13.56 -20.02
N09 P2V E . -16.61 13.22 -20.45
C11 P2V E . -17.47 13.39 -22.82
C12 P2V E . -17.50 11.99 -22.92
C14 P2V E . -18.00 12.12 -25.35
C16 P2V E . -17.73 14.14 -23.98
C18 P2V E . -16.72 16.23 -24.68
C19 P2V E . -16.68 17.63 -24.73
N23 P2V E . -14.50 14.48 -20.74
S25 P2V E . -12.53 16.00 -21.41
C27 P2V E . -12.75 18.42 -22.69
N29 P2V E . -13.71 20.24 -21.35
C30 P2V E . -14.91 19.32 -21.32
C31 P2V E . -14.63 17.80 -21.34
N32 P2V E . -12.62 14.34 -19.31
C33 P2V E . -13.30 13.40 -18.55
C1 GOL F . -9.05 0.74 -14.93
O1 GOL F . -9.83 -0.28 -15.55
C2 GOL F . -8.17 0.21 -13.81
O2 GOL F . -6.80 0.57 -14.03
C3 GOL F . -8.64 0.68 -12.44
O3 GOL F . -10.06 0.53 -12.30
C1 EDO G . -3.90 6.48 -8.13
O1 EDO G . -2.61 5.99 -8.50
C2 EDO G . -4.65 5.59 -7.18
O2 EDO G . -5.50 6.30 -6.29
C1 GOL H . 28.26 16.45 -2.32
O1 GOL H . 29.15 15.49 -2.89
C2 GOL H . 26.83 16.24 -2.78
O2 GOL H . 26.66 16.75 -4.09
C3 GOL H . 26.41 14.80 -2.77
O3 GOL H . 26.95 14.08 -1.66
C1 GOL I . 15.82 -3.24 -7.17
O1 GOL I . 16.76 -2.24 -7.57
C2 GOL I . 14.42 -2.69 -6.89
O2 GOL I . 13.48 -3.23 -7.83
C3 GOL I . 13.94 -2.92 -5.45
O3 GOL I . 14.86 -2.47 -4.43
C10 P2V J . 25.24 -17.05 -5.62
C13 P2V J . 27.23 -15.06 -8.35
C15 P2V J . 27.67 -17.35 -8.71
C17 P2V J . 26.71 -19.10 -7.20
C20 P2V J . 26.78 -21.82 -6.43
C21 P2V J . 26.40 -21.50 -7.75
C22 P2V J . 26.37 -20.14 -8.15
C24 P2V J . 21.23 -17.90 -6.77
C26 P2V J . 21.63 -20.93 -7.10
C28 P2V J . 23.09 -22.30 -5.78
C01 P2V J . 17.45 -15.75 -6.30
C02 P2V J . 17.95 -15.21 -4.89
C03 P2V J . 17.45 -15.92 -3.61
C04 P2V J . 19.49 -15.20 -4.88
N05 P2V J . 20.21 -14.34 -4.25
N06 P2V J . 21.55 -14.61 -4.49
C07 P2V J . 21.65 -15.69 -5.24
C08 P2V J . 22.79 -16.42 -5.73
N09 P2V J . 24.19 -16.08 -5.44
C11 P2V J . 26.14 -16.70 -6.85
C12 P2V J . 26.38 -15.37 -7.25
C14 P2V J . 27.89 -16.04 -9.09
C16 P2V J . 26.79 -17.70 -7.58
C18 P2V J . 27.10 -19.44 -5.91
C19 P2V J . 27.13 -20.79 -5.50
N23 P2V J . 22.50 -17.51 -6.51
S25 P2V J . 21.25 -19.35 -7.88
C27 P2V J . 22.94 -20.94 -6.50
N29 P2V J . 22.04 -23.35 -6.04
C30 P2V J . 21.32 -23.41 -7.32
C31 P2V J . 21.56 -22.09 -8.05
N32 P2V J . 20.11 -17.27 -6.35
C33 P2V J . 20.35 -16.13 -5.55
C1 EDO K . 7.96 -6.79 -1.49
O1 EDO K . 8.10 -7.29 -0.15
C2 EDO K . 7.71 -7.86 -2.50
O2 EDO K . 6.97 -7.46 -3.66
C1 GOL L . -22.49 -16.49 -14.02
O1 GOL L . -23.58 -16.61 -14.94
C2 GOL L . -22.34 -17.72 -13.14
O2 GOL L . -21.29 -17.44 -12.21
C3 GOL L . -22.08 -19.02 -13.88
O3 GOL L . -23.27 -19.54 -14.49
#